data_4UFL
#
_entry.id   4UFL
#
_cell.length_a   248.530
_cell.length_b   248.530
_cell.length_c   77.650
_cell.angle_alpha   90.00
_cell.angle_beta   90.00
_cell.angle_gamma   120.00
#
_symmetry.space_group_name_H-M   'H 3 2'
#
loop_
_entity.id
_entity.type
_entity.pdbx_description
1 polymer GALACTOCEREBROSIDASE
2 branched 2-acetamido-2-deoxy-beta-D-glucopyranose-(1-4)-2-acetamido-2-deoxy-beta-D-glucopyranose
3 non-polymer DEOXY-GALACTO-NOEUROSTEGINE
4 non-polymer 'CALCIUM ION'
5 non-polymer 2-acetamido-2-deoxy-beta-D-glucopyranose
6 water water
#
_entity_poly.entity_id   1
_entity_poly.type   'polypeptide(L)'
_entity_poly.pdbx_seq_one_letter_code
;HHHHHHIEGRGAYVLDDSDGLGREFDGIGAVSGGGATSRLLVNYPEPYRSEILDYLFKPNFGASLHILKVEIGGDGQTTD
GTEPSHMHYELDENYFRGYEWWLMKEAKKRNPDIILMGLPWSFPGWLGKGFSWPYVNLQLTAYYVVRWILGAKHYHDLDI
DYIGIWNERPFDANYIKELRKMLDYQGLQRVRIIASDNLWEPISSSLLLDQELWKVVDVIGAHYPGTYTVWNAKMSGKKL
WSSEDFSTINSNVGAGCWSRILNQNYINGNMTSTIAWNLVASYYEELPYGRSGLMTAQEPWSGHYVVASPIWVSAHTTQF
TQPGWYYLKTVGHLEKGGSYVALTDGLGNLTIIIETMSHQHSMCIRPYLPYYNVSHQLATFTLKGSLREIQELQVWYTKL
GTPQQRLHFKQLDTLWLLDGSGSFTLELEEDEIFTLTTLTTGRKGSYPPPPSSKPFPTNYKDDFNVEYPLFSEAPNFADQ
TGVFEYYMNNEDREHRFTLRQVLNQRPITWAADASSTISVIGDHHWTNMTVQCDVYIETPRSGGVFIAGRVNKGGILIRS
ATGVFFWIFANGSYRVTADLGGWITYASGHADVTAKRWYTLTLGIKGYFAFGMLNGTILWKNVRVKYPGHGWAAIGTHTF
EFAQFDNFRVEAAR
;
_entity_poly.pdbx_strand_id   A
#
# COMPACT_ATOMS: atom_id res chain seq x y z
N GLY A 11 21.65 24.81 23.33
CA GLY A 11 22.34 26.07 23.07
C GLY A 11 23.09 26.03 21.75
N ALA A 12 24.36 25.63 21.80
CA ALA A 12 25.14 25.43 20.59
C ALA A 12 25.24 23.94 20.26
N TYR A 13 24.70 23.54 19.11
CA TYR A 13 24.78 22.16 18.66
C TYR A 13 25.92 22.01 17.66
N VAL A 14 26.90 21.19 18.00
CA VAL A 14 28.03 20.97 17.13
C VAL A 14 27.82 19.92 16.06
N LEU A 15 27.94 20.31 14.80
CA LEU A 15 27.97 19.36 13.68
C LEU A 15 29.42 19.20 13.25
N ASP A 16 29.87 17.96 13.18
CA ASP A 16 31.27 17.63 12.94
C ASP A 16 31.45 16.24 12.36
N ASP A 17 32.51 16.07 11.58
CA ASP A 17 32.80 14.76 11.02
C ASP A 17 34.22 14.36 11.37
N SER A 18 34.87 15.17 12.21
CA SER A 18 36.28 14.92 12.49
C SER A 18 36.49 13.64 13.27
N ASP A 19 35.53 13.24 14.08
CA ASP A 19 35.67 12.02 14.84
C ASP A 19 35.08 10.85 14.02
N GLY A 20 34.61 11.16 12.81
CA GLY A 20 34.05 10.13 11.95
C GLY A 20 32.53 10.24 11.83
N LEU A 21 31.97 9.30 11.09
CA LEU A 21 30.58 9.37 10.67
C LEU A 21 29.72 8.36 11.41
N GLY A 22 28.41 8.56 11.35
CA GLY A 22 27.47 7.58 11.88
C GLY A 22 27.15 6.53 10.84
N ARG A 23 25.91 6.06 10.84
CA ARG A 23 25.53 4.99 9.93
C ARG A 23 25.17 5.51 8.56
N GLU A 24 25.41 4.68 7.55
CA GLU A 24 25.02 4.99 6.19
C GLU A 24 23.49 5.04 6.06
N PHE A 25 23.03 6.06 5.35
CA PHE A 25 21.59 6.28 5.13
C PHE A 25 21.16 5.38 3.98
N ASP A 26 20.06 4.65 4.15
CA ASP A 26 19.68 3.66 3.14
C ASP A 26 18.49 4.11 2.29
N GLY A 27 17.82 5.18 2.69
CA GLY A 27 16.76 5.73 1.85
C GLY A 27 15.40 5.80 2.51
N ILE A 28 14.52 6.61 1.93
CA ILE A 28 13.14 6.69 2.38
C ILE A 28 12.25 6.14 1.27
N GLY A 29 11.19 5.45 1.65
CA GLY A 29 10.28 4.96 0.65
C GLY A 29 8.90 4.66 1.16
N ALA A 30 8.16 3.89 0.38
CA ALA A 30 6.75 3.64 0.67
C ALA A 30 6.30 2.29 0.13
N VAL A 31 5.17 1.81 0.63
CA VAL A 31 4.66 0.51 0.26
C VAL A 31 3.46 0.61 -0.67
N SER A 32 3.53 -0.09 -1.80
CA SER A 32 2.32 -0.33 -2.56
C SER A 32 1.88 -1.77 -2.32
N GLY A 33 0.75 -1.94 -1.66
CA GLY A 33 0.30 -3.27 -1.33
C GLY A 33 -0.06 -3.38 0.14
N GLY A 34 -0.45 -4.59 0.53
CA GLY A 34 -1.09 -4.80 1.82
C GLY A 34 -2.20 -3.80 2.15
N GLY A 35 -3.27 -3.77 1.35
CA GLY A 35 -3.43 -4.57 0.17
C GLY A 35 -4.32 -3.83 -0.81
N ALA A 36 -3.95 -3.84 -2.10
CA ALA A 36 -4.74 -3.19 -3.14
C ALA A 36 -4.80 -1.68 -2.91
N THR A 37 -3.74 -1.10 -2.35
CA THR A 37 -3.74 0.32 -2.04
C THR A 37 -3.60 1.18 -3.30
N SER A 38 -3.08 0.58 -4.37
CA SER A 38 -2.92 1.32 -5.62
C SER A 38 -4.01 0.96 -6.62
N ARG A 39 -5.06 0.30 -6.15
CA ARG A 39 -6.13 -0.23 -7.01
C ARG A 39 -6.72 0.77 -7.99
N LEU A 40 -7.01 1.99 -7.53
CA LEU A 40 -7.75 2.95 -8.34
C LEU A 40 -6.85 3.89 -9.15
N LEU A 41 -5.55 3.68 -9.09
CA LEU A 41 -4.62 4.56 -9.80
C LEU A 41 -4.39 4.18 -11.27
N VAL A 42 -4.52 2.90 -11.58
CA VAL A 42 -4.26 2.41 -12.93
C VAL A 42 -5.19 2.94 -14.01
N ASN A 43 -6.44 3.26 -13.65
CA ASN A 43 -7.37 3.79 -14.64
C ASN A 43 -7.58 5.30 -14.55
N TYR A 44 -6.65 6.01 -13.91
CA TYR A 44 -6.62 7.47 -14.03
C TYR A 44 -6.34 7.84 -15.48
N PRO A 45 -7.09 8.82 -16.01
CA PRO A 45 -6.78 9.26 -17.37
C PRO A 45 -5.48 10.04 -17.39
N GLU A 46 -4.86 10.18 -18.55
CA GLU A 46 -3.76 11.12 -18.73
C GLU A 46 -4.23 12.55 -18.86
N PRO A 47 -3.39 13.52 -18.45
CA PRO A 47 -2.01 13.35 -18.00
C PRO A 47 -1.92 13.11 -16.49
N TYR A 48 -3.06 13.09 -15.81
CA TYR A 48 -3.09 13.09 -14.35
C TYR A 48 -2.41 11.88 -13.71
N ARG A 49 -2.63 10.70 -14.29
CA ARG A 49 -2.00 9.51 -13.76
C ARG A 49 -0.48 9.71 -13.74
N SER A 50 0.03 10.25 -14.84
CA SER A 50 1.46 10.50 -14.99
C SER A 50 1.96 11.58 -14.02
N GLU A 51 1.14 12.60 -13.79
CA GLU A 51 1.48 13.65 -12.85
C GLU A 51 1.58 13.11 -11.43
N ILE A 52 0.64 12.21 -11.09
CA ILE A 52 0.63 11.58 -9.78
C ILE A 52 1.93 10.82 -9.56
N LEU A 53 2.32 10.07 -10.58
CA LEU A 53 3.53 9.28 -10.49
C LEU A 53 4.76 10.15 -10.34
N ASP A 54 4.74 11.33 -10.98
CA ASP A 54 5.83 12.30 -10.85
C ASP A 54 5.95 12.87 -9.44
N TYR A 55 4.82 13.22 -8.84
CA TYR A 55 4.80 13.67 -7.44
C TYR A 55 5.38 12.63 -6.49
N LEU A 56 5.33 11.36 -6.90
CA LEU A 56 5.86 10.30 -6.05
C LEU A 56 7.31 9.95 -6.35
N PHE A 57 7.66 9.89 -7.64
CA PHE A 57 8.92 9.28 -8.05
C PHE A 57 9.89 10.17 -8.82
N LYS A 58 9.40 11.22 -9.46
CA LYS A 58 10.28 12.09 -10.21
C LYS A 58 11.25 12.79 -9.24
N PRO A 59 12.57 12.63 -9.47
CA PRO A 59 13.62 13.24 -8.67
C PRO A 59 13.52 14.76 -8.68
N ASN A 60 13.81 15.41 -7.55
CA ASN A 60 13.79 16.87 -7.49
C ASN A 60 12.46 17.45 -7.91
N PHE A 61 11.38 16.88 -7.40
CA PHE A 61 10.05 17.30 -7.82
C PHE A 61 9.07 17.21 -6.66
N GLY A 62 8.78 15.99 -6.23
CA GLY A 62 7.82 15.73 -5.17
C GLY A 62 8.42 14.90 -4.05
N ALA A 63 7.74 13.81 -3.70
CA ALA A 63 8.25 12.94 -2.64
C ALA A 63 9.58 12.31 -3.03
N SER A 64 9.84 12.20 -4.33
CA SER A 64 11.16 11.82 -4.83
C SER A 64 11.71 10.57 -4.15
N LEU A 65 10.90 9.52 -4.05
CA LEU A 65 11.22 8.38 -3.20
C LEU A 65 12.43 7.59 -3.65
N HIS A 66 13.20 7.15 -2.65
CA HIS A 66 14.40 6.37 -2.84
C HIS A 66 14.10 4.89 -2.98
N ILE A 67 12.96 4.48 -2.42
CA ILE A 67 12.64 3.08 -2.26
C ILE A 67 11.18 2.83 -2.62
N LEU A 68 10.91 1.76 -3.37
CA LEU A 68 9.53 1.33 -3.57
C LEU A 68 9.38 -0.12 -3.18
N LYS A 69 8.50 -0.36 -2.20
CA LYS A 69 8.20 -1.69 -1.73
C LYS A 69 6.82 -2.12 -2.22
N VAL A 70 6.74 -3.31 -2.81
CA VAL A 70 5.44 -3.77 -3.30
C VAL A 70 5.11 -5.12 -2.70
N GLU A 71 3.81 -5.36 -2.54
CA GLU A 71 3.29 -6.67 -2.17
C GLU A 71 3.49 -7.68 -3.28
N ILE A 72 3.93 -8.87 -2.92
CA ILE A 72 3.87 -9.98 -3.84
C ILE A 72 2.53 -10.68 -3.66
N GLY A 73 1.60 -10.38 -4.55
CA GLY A 73 0.22 -10.81 -4.42
C GLY A 73 0.10 -12.32 -4.29
N GLY A 74 -0.73 -12.75 -3.36
CA GLY A 74 -0.95 -14.16 -3.11
C GLY A 74 -2.42 -14.54 -3.20
N ASP A 75 -3.23 -13.64 -3.75
CA ASP A 75 -4.67 -13.87 -3.99
C ASP A 75 -5.52 -13.73 -2.74
N GLY A 76 -4.90 -13.57 -1.57
CA GLY A 76 -5.70 -13.32 -0.39
C GLY A 76 -5.95 -11.84 -0.14
N GLN A 77 -6.95 -11.56 0.70
CA GLN A 77 -7.21 -10.22 1.21
C GLN A 77 -6.09 -9.75 2.11
N THR A 78 -5.55 -8.56 1.82
CA THR A 78 -4.38 -8.09 2.56
C THR A 78 -4.46 -6.66 3.13
N THR A 79 -5.66 -6.07 3.13
CA THR A 79 -6.10 -4.92 3.95
C THR A 79 -7.17 -4.06 3.28
N ASP A 80 -6.98 -3.74 1.99
CA ASP A 80 -8.01 -2.98 1.28
C ASP A 80 -8.44 -3.70 0.02
N GLY A 81 -8.18 -5.00 -0.01
CA GLY A 81 -8.50 -5.81 -1.17
C GLY A 81 -7.55 -6.97 -1.33
N THR A 82 -7.77 -7.77 -2.37
CA THR A 82 -6.87 -8.86 -2.68
C THR A 82 -5.94 -8.39 -3.81
N GLU A 83 -4.77 -8.98 -3.93
CA GLU A 83 -3.93 -8.72 -5.09
C GLU A 83 -3.60 -10.04 -5.77
N PRO A 84 -3.65 -10.06 -7.11
CA PRO A 84 -3.47 -11.33 -7.85
C PRO A 84 -2.04 -11.87 -7.78
N SER A 85 -1.96 -13.20 -7.73
CA SER A 85 -0.67 -13.86 -7.69
C SER A 85 -0.19 -14.22 -9.09
N HIS A 86 1.11 -14.43 -9.24
CA HIS A 86 1.65 -14.93 -10.51
C HIS A 86 1.42 -16.43 -10.70
N MET A 87 1.03 -17.13 -9.63
CA MET A 87 0.65 -18.54 -9.74
C MET A 87 -0.66 -18.88 -9.01
N HIS A 88 -1.79 -18.70 -9.69
CA HIS A 88 -3.10 -18.99 -9.10
C HIS A 88 -3.20 -20.47 -8.75
N TYR A 89 -2.61 -21.30 -9.61
CA TYR A 89 -2.72 -22.73 -9.43
C TYR A 89 -1.33 -23.27 -9.61
N GLU A 90 -1.14 -24.52 -9.20
CA GLU A 90 -0.01 -25.32 -9.62
C GLU A 90 0.11 -25.37 -11.14
N LEU A 91 1.31 -25.12 -11.65
CA LEU A 91 1.63 -25.11 -13.09
C LEU A 91 1.26 -23.79 -13.77
N ASP A 92 0.56 -22.92 -13.07
CA ASP A 92 0.17 -21.65 -13.66
C ASP A 92 1.30 -20.63 -13.46
N GLU A 93 1.70 -19.94 -14.53
CA GLU A 93 2.62 -18.79 -14.38
C GLU A 93 2.20 -17.64 -15.27
N ASN A 94 2.02 -16.48 -14.66
CA ASN A 94 1.63 -15.31 -15.43
C ASN A 94 2.19 -14.08 -14.75
N TYR A 95 3.00 -13.31 -15.48
CA TYR A 95 3.71 -12.20 -14.87
C TYR A 95 3.16 -10.85 -15.33
N PHE A 96 1.89 -10.85 -15.71
CA PHE A 96 1.25 -9.65 -16.22
C PHE A 96 -0.06 -9.32 -15.51
N ARG A 97 -0.28 -9.93 -14.35
CA ARG A 97 -1.49 -9.67 -13.59
C ARG A 97 -1.24 -8.53 -12.62
N GLY A 98 -2.33 -7.85 -12.24
CA GLY A 98 -2.28 -6.80 -11.25
C GLY A 98 -1.56 -5.54 -11.71
N TYR A 99 -1.15 -4.71 -10.76
CA TYR A 99 -0.58 -3.43 -11.13
C TYR A 99 0.80 -3.13 -10.55
N GLU A 100 1.38 -4.06 -9.81
CA GLU A 100 2.67 -3.83 -9.19
C GLU A 100 3.82 -3.81 -10.21
N TRP A 101 3.72 -4.66 -11.24
CA TRP A 101 4.73 -4.66 -12.30
C TRP A 101 4.82 -3.28 -12.94
N TRP A 102 3.65 -2.81 -13.36
CA TRP A 102 3.48 -1.49 -13.93
C TRP A 102 4.01 -0.36 -13.06
N LEU A 103 3.63 -0.38 -11.79
CA LEU A 103 4.05 0.66 -10.85
C LEU A 103 5.57 0.70 -10.70
N MET A 104 6.18 -0.46 -10.54
CA MET A 104 7.63 -0.53 -10.45
C MET A 104 8.31 0.03 -11.71
N LYS A 105 7.78 -0.32 -12.88
CA LYS A 105 8.33 0.20 -14.13
C LYS A 105 8.15 1.72 -14.27
N GLU A 106 6.99 2.23 -13.87
CA GLU A 106 6.76 3.66 -13.93
C GLU A 106 7.68 4.41 -12.97
N ALA A 107 7.97 3.79 -11.83
CA ALA A 107 8.85 4.37 -10.82
C ALA A 107 10.28 4.37 -11.33
N LYS A 108 10.63 3.27 -11.99
N LYS A 108 10.66 3.26 -11.95
CA LYS A 108 11.97 3.06 -12.53
CA LYS A 108 11.99 3.11 -12.50
C LYS A 108 12.26 4.00 -13.71
C LYS A 108 12.25 4.05 -13.69
N LYS A 109 11.24 4.31 -14.51
CA LYS A 109 11.37 5.28 -15.59
C LYS A 109 11.75 6.66 -15.08
N ARG A 110 11.12 7.07 -13.99
CA ARG A 110 11.34 8.39 -13.42
C ARG A 110 12.65 8.46 -12.65
N ASN A 111 12.99 7.36 -11.99
CA ASN A 111 14.19 7.27 -11.17
C ASN A 111 14.81 5.88 -11.30
N PRO A 112 15.74 5.72 -12.26
CA PRO A 112 16.43 4.46 -12.56
C PRO A 112 17.12 3.87 -11.34
N ASP A 113 17.43 4.74 -10.38
CA ASP A 113 18.11 4.32 -9.17
C ASP A 113 17.20 3.95 -7.99
N ILE A 114 15.88 3.94 -8.21
CA ILE A 114 14.98 3.61 -7.11
C ILE A 114 15.21 2.17 -6.65
N ILE A 115 15.06 1.95 -5.35
CA ILE A 115 15.29 0.66 -4.75
C ILE A 115 13.98 -0.11 -4.66
N LEU A 116 13.97 -1.31 -5.21
CA LEU A 116 12.75 -2.12 -5.27
C LEU A 116 12.74 -3.25 -4.24
N MET A 117 11.63 -3.38 -3.54
CA MET A 117 11.46 -4.46 -2.57
C MET A 117 10.16 -5.23 -2.81
N GLY A 118 10.19 -6.54 -2.55
CA GLY A 118 8.98 -7.33 -2.60
C GLY A 118 8.75 -8.09 -1.31
N LEU A 119 7.50 -8.26 -0.95
CA LEU A 119 7.16 -8.97 0.29
C LEU A 119 5.81 -9.63 0.14
N PRO A 120 5.72 -10.91 0.50
CA PRO A 120 4.41 -11.58 0.52
C PRO A 120 3.57 -11.26 1.76
N TRP A 121 2.27 -11.08 1.58
CA TRP A 121 1.32 -11.04 2.69
C TRP A 121 0.56 -12.37 2.75
N SER A 122 0.13 -12.84 1.59
CA SER A 122 -0.62 -14.07 1.50
C SER A 122 -0.01 -14.96 0.43
N PHE A 123 -0.46 -16.20 0.35
CA PHE A 123 0.06 -17.14 -0.63
C PHE A 123 -1.10 -17.90 -1.24
N PRO A 124 -0.96 -18.37 -2.48
CA PRO A 124 -2.00 -19.22 -3.03
C PRO A 124 -2.14 -20.47 -2.18
N GLY A 125 -3.36 -20.98 -2.06
CA GLY A 125 -3.61 -22.13 -1.20
C GLY A 125 -2.86 -23.40 -1.55
N TRP A 126 -2.69 -23.65 -2.85
CA TRP A 126 -2.02 -24.87 -3.31
C TRP A 126 -0.61 -25.01 -2.75
N LEU A 127 0.03 -23.89 -2.39
CA LEU A 127 1.38 -23.96 -1.80
C LEU A 127 1.37 -24.61 -0.42
N GLY A 128 0.21 -24.65 0.20
CA GLY A 128 0.09 -25.21 1.53
C GLY A 128 -0.09 -26.71 1.53
N LYS A 129 -0.36 -27.27 0.35
CA LYS A 129 -0.52 -28.70 0.19
C LYS A 129 -1.51 -29.31 1.18
N GLY A 130 -2.66 -28.67 1.34
CA GLY A 130 -3.70 -29.16 2.24
C GLY A 130 -3.72 -28.47 3.59
N PHE A 131 -2.76 -27.59 3.85
CA PHE A 131 -2.77 -26.79 5.06
C PHE A 131 -2.64 -25.32 4.71
N SER A 132 -3.00 -24.46 5.65
CA SER A 132 -2.96 -23.03 5.42
C SER A 132 -1.65 -22.50 6.00
N TRP A 133 -0.55 -23.11 5.56
CA TRP A 133 0.75 -22.84 6.13
C TRP A 133 1.81 -22.85 5.02
N PRO A 134 2.59 -21.75 4.89
CA PRO A 134 3.57 -21.66 3.80
C PRO A 134 4.88 -22.37 4.09
N TYR A 135 5.01 -22.95 5.28
CA TYR A 135 6.27 -23.62 5.63
C TYR A 135 6.18 -25.14 5.57
N VAL A 136 5.11 -25.67 5.00
CA VAL A 136 4.97 -27.11 4.86
C VAL A 136 6.05 -27.66 3.92
N ASN A 137 6.21 -26.99 2.78
CA ASN A 137 7.24 -27.38 1.82
C ASN A 137 8.09 -26.15 1.54
N LEU A 138 9.19 -26.07 2.27
CA LEU A 138 10.12 -24.95 2.23
C LEU A 138 10.56 -24.66 0.80
N GLN A 139 10.99 -25.70 0.10
N GLN A 139 10.98 -25.71 0.10
CA GLN A 139 11.53 -25.51 -1.24
CA GLN A 139 11.52 -25.54 -1.25
C GLN A 139 10.44 -24.96 -2.18
C GLN A 139 10.45 -24.97 -2.17
N LEU A 140 9.22 -25.45 -2.01
CA LEU A 140 8.10 -25.00 -2.84
C LEU A 140 7.80 -23.53 -2.66
N THR A 141 7.70 -23.09 -1.40
CA THR A 141 7.41 -21.69 -1.14
C THR A 141 8.53 -20.78 -1.65
N ALA A 142 9.79 -21.19 -1.45
CA ALA A 142 10.93 -20.43 -1.91
C ALA A 142 10.90 -20.37 -3.43
N TYR A 143 10.58 -21.49 -4.05
CA TYR A 143 10.48 -21.58 -5.50
C TYR A 143 9.46 -20.60 -6.05
N TYR A 144 8.31 -20.54 -5.37
CA TYR A 144 7.24 -19.60 -5.69
C TYR A 144 7.72 -18.15 -5.64
N VAL A 145 8.37 -17.79 -4.55
CA VAL A 145 8.85 -16.43 -4.35
C VAL A 145 9.91 -16.06 -5.38
N VAL A 146 10.85 -16.97 -5.63
CA VAL A 146 11.93 -16.69 -6.57
C VAL A 146 11.42 -16.54 -7.99
N ARG A 147 10.37 -17.27 -8.35
CA ARG A 147 9.79 -17.12 -9.68
C ARG A 147 9.35 -15.69 -9.90
N TRP A 148 8.80 -15.09 -8.85
CA TRP A 148 8.37 -13.70 -8.91
C TRP A 148 9.56 -12.80 -9.23
N ILE A 149 10.69 -13.05 -8.55
CA ILE A 149 11.85 -12.19 -8.72
C ILE A 149 12.41 -12.37 -10.14
N LEU A 150 12.48 -13.62 -10.59
CA LEU A 150 12.94 -13.92 -11.95
C LEU A 150 12.03 -13.29 -13.00
N GLY A 151 10.73 -13.39 -12.77
CA GLY A 151 9.75 -12.88 -13.72
C GLY A 151 9.91 -11.38 -13.85
N ALA A 152 10.06 -10.72 -12.72
CA ALA A 152 10.33 -9.28 -12.68
C ALA A 152 11.45 -8.89 -13.64
N LYS A 153 12.52 -9.68 -13.64
CA LYS A 153 13.66 -9.40 -14.50
C LYS A 153 13.34 -9.74 -15.95
N HIS A 154 12.84 -10.94 -16.18
CA HIS A 154 12.70 -11.44 -17.54
C HIS A 154 11.60 -10.77 -18.34
N TYR A 155 10.51 -10.39 -17.67
CA TYR A 155 9.36 -9.83 -18.38
C TYR A 155 9.32 -8.31 -18.30
N HIS A 156 9.89 -7.73 -17.25
CA HIS A 156 9.78 -6.30 -17.04
C HIS A 156 11.10 -5.55 -16.93
N ASP A 157 12.21 -6.29 -16.96
CA ASP A 157 13.55 -5.72 -16.85
C ASP A 157 13.74 -5.04 -15.49
N LEU A 158 13.14 -5.64 -14.47
CA LEU A 158 13.23 -5.11 -13.11
C LEU A 158 14.16 -5.93 -12.25
N ASP A 159 15.08 -5.24 -11.59
CA ASP A 159 15.94 -5.85 -10.58
C ASP A 159 15.35 -5.62 -9.19
N ILE A 160 14.96 -6.70 -8.53
CA ILE A 160 14.44 -6.58 -7.18
C ILE A 160 15.63 -6.51 -6.25
N ASP A 161 15.66 -5.50 -5.39
CA ASP A 161 16.81 -5.35 -4.52
C ASP A 161 16.65 -6.13 -3.22
N TYR A 162 15.44 -6.16 -2.67
CA TYR A 162 15.25 -6.86 -1.41
C TYR A 162 14.04 -7.79 -1.42
N ILE A 163 14.18 -8.93 -0.76
CA ILE A 163 13.07 -9.86 -0.60
C ILE A 163 12.83 -10.11 0.89
N GLY A 164 11.56 -10.08 1.27
CA GLY A 164 11.18 -10.34 2.65
C GLY A 164 10.62 -11.74 2.82
N ILE A 165 10.00 -11.98 3.97
CA ILE A 165 9.67 -13.33 4.36
C ILE A 165 8.15 -13.48 4.34
N TRP A 166 7.48 -13.07 5.41
CA TRP A 166 6.02 -13.15 5.46
C TRP A 166 5.48 -12.03 6.34
N ASN A 167 4.81 -11.05 5.73
CA ASN A 167 4.46 -9.80 6.41
C ASN A 167 3.76 -9.98 7.74
N GLU A 168 4.41 -9.50 8.80
CA GLU A 168 3.85 -9.55 10.14
C GLU A 168 3.37 -10.94 10.57
N ARG A 169 4.07 -11.97 10.11
CA ARG A 169 3.68 -13.35 10.39
C ARG A 169 4.96 -14.09 10.74
N PRO A 170 4.84 -15.29 11.33
CA PRO A 170 6.09 -15.89 11.81
C PRO A 170 7.05 -16.19 10.68
N PHE A 171 8.34 -16.19 11.00
CA PHE A 171 9.32 -16.62 10.03
C PHE A 171 9.75 -18.03 10.39
N ASP A 172 10.40 -18.69 9.45
CA ASP A 172 10.99 -19.98 9.70
C ASP A 172 12.43 -19.87 9.33
N ALA A 173 13.32 -20.17 10.27
CA ALA A 173 14.75 -19.99 10.03
C ALA A 173 15.21 -20.86 8.87
N ASN A 174 14.69 -22.07 8.79
CA ASN A 174 15.03 -22.96 7.69
C ASN A 174 14.53 -22.44 6.35
N TYR A 175 13.38 -21.77 6.35
CA TYR A 175 12.86 -21.13 5.15
C TYR A 175 13.78 -20.03 4.64
N ILE A 176 14.22 -19.17 5.54
CA ILE A 176 15.08 -18.06 5.18
C ILE A 176 16.37 -18.61 4.56
N LYS A 177 16.94 -19.64 5.18
CA LYS A 177 18.12 -20.31 4.63
C LYS A 177 17.84 -20.90 3.26
N GLU A 178 16.69 -21.56 3.11
CA GLU A 178 16.32 -22.15 1.83
C GLU A 178 16.07 -21.08 0.76
N LEU A 179 15.40 -20.00 1.14
CA LEU A 179 15.20 -18.87 0.24
C LEU A 179 16.54 -18.32 -0.29
N ARG A 180 17.52 -18.18 0.60
CA ARG A 180 18.84 -17.71 0.19
C ARG A 180 19.52 -18.64 -0.79
N LYS A 181 19.49 -19.92 -0.45
CA LYS A 181 20.07 -20.95 -1.30
C LYS A 181 19.40 -21.02 -2.67
N MET A 182 18.08 -20.88 -2.67
CA MET A 182 17.33 -20.92 -3.92
C MET A 182 17.63 -19.66 -4.76
N LEU A 183 17.72 -18.48 -4.13
CA LEU A 183 18.13 -17.27 -4.87
C LEU A 183 19.50 -17.42 -5.51
N ASP A 184 20.45 -17.99 -4.77
CA ASP A 184 21.81 -18.12 -5.27
C ASP A 184 21.84 -19.12 -6.43
N TYR A 185 21.10 -20.21 -6.28
CA TYR A 185 21.02 -21.23 -7.32
C TYR A 185 20.50 -20.67 -8.65
N GLN A 186 19.64 -19.66 -8.56
CA GLN A 186 19.08 -19.02 -9.74
C GLN A 186 19.84 -17.78 -10.19
N GLY A 187 21.06 -17.60 -9.69
CA GLY A 187 21.88 -16.50 -10.14
C GLY A 187 21.43 -15.15 -9.62
N LEU A 188 20.82 -15.14 -8.43
CA LEU A 188 20.32 -13.93 -7.83
C LEU A 188 21.07 -13.65 -6.53
N GLN A 189 22.37 -13.95 -6.54
CA GLN A 189 23.24 -13.62 -5.42
C GLN A 189 23.12 -12.18 -4.97
N ARG A 190 22.81 -11.27 -5.88
CA ARG A 190 22.74 -9.85 -5.52
C ARG A 190 21.51 -9.47 -4.71
N VAL A 191 20.48 -10.30 -4.73
CA VAL A 191 19.26 -9.92 -4.03
C VAL A 191 19.50 -10.13 -2.55
N ARG A 192 19.09 -9.13 -1.78
CA ARG A 192 19.22 -9.20 -0.33
C ARG A 192 17.94 -9.53 0.39
N ILE A 193 18.11 -10.08 1.57
CA ILE A 193 17.00 -10.53 2.40
C ILE A 193 16.77 -9.65 3.62
N ILE A 194 15.50 -9.25 3.80
CA ILE A 194 15.12 -8.46 4.95
C ILE A 194 14.15 -9.28 5.82
N ALA A 195 14.39 -9.28 7.13
CA ALA A 195 13.55 -10.05 8.05
C ALA A 195 13.28 -9.29 9.34
N SER A 196 12.13 -9.54 9.97
CA SER A 196 11.13 -10.46 9.46
C SER A 196 9.82 -9.73 9.22
N ASP A 197 9.94 -8.42 9.05
CA ASP A 197 8.81 -7.53 8.81
C ASP A 197 7.71 -7.75 9.84
N ASN A 198 8.11 -7.79 11.10
CA ASN A 198 7.20 -7.95 12.21
C ASN A 198 7.78 -7.13 13.37
N LEU A 199 8.03 -7.78 14.50
CA LEU A 199 8.67 -7.08 15.61
C LEU A 199 10.17 -7.33 15.60
N TRP A 200 10.89 -6.67 16.50
CA TRP A 200 12.34 -6.87 16.59
C TRP A 200 12.70 -8.29 16.99
N GLU A 201 11.84 -8.91 17.82
CA GLU A 201 11.98 -10.31 18.22
C GLU A 201 10.85 -11.14 17.61
N PRO A 202 11.13 -12.41 17.29
CA PRO A 202 12.36 -13.13 17.65
C PRO A 202 13.52 -13.04 16.65
N ILE A 203 13.40 -12.27 15.57
CA ILE A 203 14.46 -12.28 14.56
C ILE A 203 15.80 -11.83 15.14
N SER A 204 15.80 -10.81 16.00
CA SER A 204 17.05 -10.23 16.48
C SER A 204 17.90 -11.17 17.34
N SER A 205 17.29 -11.81 18.34
CA SER A 205 18.00 -12.82 19.11
C SER A 205 18.40 -14.05 18.29
N SER A 206 17.54 -14.46 17.37
CA SER A 206 17.84 -15.59 16.49
C SER A 206 19.15 -15.36 15.73
N LEU A 207 19.33 -14.16 15.20
CA LEU A 207 20.56 -13.79 14.51
C LEU A 207 21.80 -13.91 15.41
N LEU A 208 21.66 -13.67 16.71
CA LEU A 208 22.82 -13.69 17.60
C LEU A 208 23.19 -15.12 17.99
N LEU A 209 22.22 -16.03 17.88
CA LEU A 209 22.40 -17.40 18.33
C LEU A 209 22.75 -18.37 17.21
N ASP A 210 22.59 -17.92 15.96
CA ASP A 210 22.65 -18.79 14.80
C ASP A 210 23.44 -18.06 13.75
N GLN A 211 24.72 -18.41 13.67
CA GLN A 211 25.63 -17.76 12.73
C GLN A 211 25.20 -17.89 11.25
N GLU A 212 24.70 -19.06 10.89
N GLU A 212 24.70 -19.07 10.89
CA GLU A 212 24.28 -19.31 9.51
CA GLU A 212 24.27 -19.32 9.52
C GLU A 212 23.06 -18.48 9.12
C GLU A 212 23.08 -18.44 9.14
N LEU A 213 22.18 -18.22 10.09
CA LEU A 213 21.06 -17.31 9.90
C LEU A 213 21.58 -15.90 9.73
N TRP A 214 22.49 -15.54 10.61
CA TRP A 214 23.13 -14.23 10.57
C TRP A 214 23.74 -13.97 9.20
N LYS A 215 24.42 -14.97 8.63
CA LYS A 215 25.01 -14.79 7.31
C LYS A 215 24.02 -14.47 6.18
N VAL A 216 22.79 -14.97 6.29
CA VAL A 216 21.84 -14.83 5.20
C VAL A 216 20.86 -13.66 5.31
N VAL A 217 20.78 -13.03 6.48
CA VAL A 217 19.87 -11.90 6.65
C VAL A 217 20.69 -10.62 6.54
N ASP A 218 20.36 -9.77 5.59
CA ASP A 218 21.14 -8.56 5.37
C ASP A 218 20.59 -7.38 6.15
N VAL A 219 19.28 -7.37 6.39
CA VAL A 219 18.64 -6.22 7.01
C VAL A 219 17.57 -6.72 7.98
N ILE A 220 17.54 -6.13 9.17
CA ILE A 220 16.43 -6.37 10.09
C ILE A 220 15.39 -5.28 9.92
N GLY A 221 14.20 -5.64 9.45
CA GLY A 221 13.14 -4.68 9.26
C GLY A 221 12.05 -4.83 10.29
N ALA A 222 11.81 -3.79 11.08
CA ALA A 222 10.75 -3.87 12.09
C ALA A 222 9.58 -2.98 11.69
N HIS A 223 8.37 -3.39 12.08
CA HIS A 223 7.18 -2.56 11.81
C HIS A 223 6.74 -1.72 13.00
N TYR A 224 6.39 -0.46 12.73
CA TYR A 224 5.86 0.46 13.73
C TYR A 224 6.57 0.42 15.10
N PRO A 225 7.90 0.62 15.10
CA PRO A 225 8.76 0.52 16.29
C PRO A 225 8.71 1.71 17.27
N GLY A 226 7.92 2.74 16.97
CA GLY A 226 7.86 3.90 17.84
C GLY A 226 9.17 4.65 18.01
N THR A 227 10.00 4.60 16.97
CA THR A 227 11.31 5.27 16.83
C THR A 227 12.44 4.53 17.55
N TYR A 228 12.10 3.47 18.28
CA TYR A 228 13.09 2.74 19.08
C TYR A 228 13.37 1.34 18.52
N THR A 229 14.58 0.85 18.79
CA THR A 229 14.93 -0.53 18.54
C THR A 229 15.18 -1.26 19.87
N VAL A 230 15.85 -2.40 19.84
CA VAL A 230 16.17 -3.15 21.05
C VAL A 230 17.65 -3.53 20.98
N TRP A 231 18.22 -3.85 22.14
CA TRP A 231 19.65 -4.09 22.25
C TRP A 231 20.16 -5.21 21.32
N ASN A 232 19.42 -6.31 21.22
CA ASN A 232 19.86 -7.44 20.39
C ASN A 232 20.04 -7.03 18.92
N ALA A 233 19.18 -6.13 18.43
CA ALA A 233 19.28 -5.65 17.06
C ALA A 233 20.54 -4.81 16.84
N LYS A 234 20.83 -3.91 17.79
CA LYS A 234 22.05 -3.10 17.74
C LYS A 234 23.30 -3.96 17.73
N MET A 235 23.29 -4.98 18.58
CA MET A 235 24.40 -5.91 18.71
C MET A 235 24.70 -6.67 17.45
N SER A 236 23.66 -6.90 16.65
CA SER A 236 23.77 -7.73 15.46
C SER A 236 24.65 -7.13 14.37
N GLY A 237 24.79 -5.81 14.38
CA GLY A 237 25.54 -5.12 13.35
C GLY A 237 24.84 -5.07 12.01
N LYS A 238 23.61 -5.54 11.96
CA LYS A 238 22.81 -5.46 10.74
C LYS A 238 22.29 -4.04 10.53
N LYS A 239 22.04 -3.67 9.28
CA LYS A 239 21.26 -2.48 9.00
C LYS A 239 19.88 -2.66 9.64
N LEU A 240 19.37 -1.61 10.27
CA LEU A 240 18.06 -1.64 10.91
C LEU A 240 17.15 -0.68 10.21
N TRP A 241 15.99 -1.16 9.80
CA TRP A 241 15.05 -0.34 9.04
C TRP A 241 13.70 -0.37 9.71
N SER A 242 13.00 0.76 9.66
CA SER A 242 11.57 0.74 9.94
C SER A 242 10.94 0.36 8.60
N SER A 243 10.73 -0.94 8.39
CA SER A 243 10.33 -1.39 7.05
C SER A 243 8.85 -1.19 6.81
N GLU A 244 8.13 -0.74 7.84
CA GLU A 244 6.75 -0.29 7.65
C GLU A 244 6.35 0.66 8.78
N ASP A 245 5.87 1.85 8.44
CA ASP A 245 5.48 2.84 9.43
C ASP A 245 4.36 3.71 8.89
N PHE A 246 4.05 4.79 9.61
CA PHE A 246 3.08 5.80 9.18
C PHE A 246 1.64 5.31 9.35
N SER A 247 0.98 4.98 8.24
CA SER A 247 -0.35 4.38 8.26
C SER A 247 -1.30 5.35 8.97
N THR A 248 -1.09 6.64 8.77
CA THR A 248 -1.96 7.63 9.37
C THR A 248 -2.58 8.47 8.28
N ILE A 249 -3.79 8.96 8.52
CA ILE A 249 -4.50 9.82 7.60
C ILE A 249 -3.62 10.99 7.18
N ASN A 250 -3.52 11.22 5.87
CA ASN A 250 -2.61 12.23 5.40
C ASN A 250 -3.13 13.65 5.55
N SER A 251 -3.79 13.90 6.67
CA SER A 251 -4.11 15.26 7.11
C SER A 251 -2.85 15.84 7.71
N ASN A 252 -2.95 17.01 8.30
CA ASN A 252 -1.80 17.59 8.99
C ASN A 252 -1.16 16.77 10.09
N VAL A 253 -1.95 15.99 10.82
CA VAL A 253 -1.39 15.16 11.89
C VAL A 253 -0.48 14.08 11.31
N GLY A 254 -0.93 13.44 10.23
CA GLY A 254 -0.10 12.46 9.54
C GLY A 254 1.21 13.00 9.01
N ALA A 255 1.17 14.21 8.47
CA ALA A 255 2.40 14.81 7.96
C ALA A 255 3.36 15.08 9.12
N GLY A 256 2.81 15.45 10.27
CA GLY A 256 3.57 15.68 11.48
C GLY A 256 4.23 14.41 11.98
N CYS A 257 3.42 13.36 12.07
CA CYS A 257 3.85 12.02 12.41
C CYS A 257 5.01 11.61 11.54
N TRP A 258 4.82 11.77 10.25
CA TRP A 258 5.80 11.38 9.25
C TRP A 258 7.08 12.17 9.48
N SER A 259 6.95 13.50 9.56
CA SER A 259 8.10 14.36 9.80
C SER A 259 8.94 13.95 11.00
N ARG A 260 8.26 13.72 12.12
CA ARG A 260 8.93 13.41 13.38
C ARG A 260 9.70 12.09 13.35
N ILE A 261 9.04 11.03 12.89
CA ILE A 261 9.64 9.72 12.86
C ILE A 261 10.76 9.59 11.83
N LEU A 262 10.64 10.32 10.72
CA LEU A 262 11.70 10.31 9.70
C LEU A 262 13.04 10.68 10.34
N ASN A 263 13.05 11.72 11.15
CA ASN A 263 14.24 12.05 11.92
C ASN A 263 14.55 11.10 13.08
N GLN A 264 13.56 10.85 13.93
CA GLN A 264 13.83 10.15 15.19
C GLN A 264 14.00 8.65 15.10
N ASN A 265 13.50 8.04 14.03
CA ASN A 265 13.82 6.63 13.76
C ASN A 265 15.32 6.42 13.74
N TYR A 266 16.06 7.34 13.13
CA TYR A 266 17.51 7.21 13.17
C TYR A 266 18.09 7.63 14.53
N ILE A 267 17.63 8.76 15.05
CA ILE A 267 18.20 9.33 16.27
C ILE A 267 17.99 8.41 17.46
N ASN A 268 16.76 7.92 17.61
CA ASN A 268 16.44 7.15 18.80
C ASN A 268 16.72 5.68 18.57
N GLY A 269 16.61 5.23 17.33
CA GLY A 269 16.64 3.80 17.07
C GLY A 269 17.69 3.30 16.10
N ASN A 270 18.60 4.16 15.64
CA ASN A 270 19.62 3.71 14.69
C ASN A 270 19.07 3.14 13.38
N MET A 271 17.80 3.43 13.09
CA MET A 271 17.19 2.91 11.86
C MET A 271 17.55 3.84 10.72
N THR A 272 18.12 3.27 9.66
CA THR A 272 18.68 4.08 8.57
C THR A 272 17.79 4.08 7.35
N SER A 273 16.59 3.54 7.51
CA SER A 273 15.56 3.66 6.49
C SER A 273 14.19 3.59 7.13
N THR A 274 13.25 4.34 6.58
CA THR A 274 11.87 4.25 7.01
C THR A 274 10.98 4.14 5.77
N ILE A 275 9.99 3.25 5.83
CA ILE A 275 9.10 3.02 4.70
C ILE A 275 7.65 3.18 5.12
N ALA A 276 6.97 4.14 4.50
CA ALA A 276 5.57 4.40 4.80
C ALA A 276 4.58 3.43 4.14
N TRP A 277 3.66 2.92 4.94
CA TRP A 277 2.41 2.39 4.42
C TRP A 277 1.38 3.52 4.47
N ASN A 278 0.86 3.97 3.33
CA ASN A 278 1.17 3.43 2.01
C ASN A 278 1.56 4.53 1.04
N LEU A 279 1.97 4.13 -0.17
CA LEU A 279 2.47 5.08 -1.17
C LEU A 279 1.47 6.14 -1.60
N VAL A 280 0.27 5.71 -1.93
CA VAL A 280 -0.77 6.62 -2.40
C VAL A 280 -2.11 6.02 -2.06
N ALA A 281 -3.03 6.82 -1.55
CA ALA A 281 -4.34 6.29 -1.22
C ALA A 281 -5.20 6.21 -2.48
N SER A 282 -5.07 5.10 -3.18
CA SER A 282 -5.90 4.81 -4.35
C SER A 282 -6.81 3.62 -4.08
N TYR A 283 -7.57 3.73 -3.00
CA TYR A 283 -8.57 2.72 -2.66
C TYR A 283 -9.73 3.45 -2.01
N TYR A 284 -10.94 2.88 -2.08
CA TYR A 284 -12.12 3.54 -1.50
C TYR A 284 -11.80 3.91 -0.05
N GLU A 285 -12.16 5.13 0.30
N GLU A 285 -12.12 5.16 0.33
CA GLU A 285 -11.86 5.73 1.60
CA GLU A 285 -11.69 5.73 1.61
C GLU A 285 -12.56 5.07 2.78
C GLU A 285 -12.36 5.08 2.80
N GLU A 286 -13.65 4.39 2.48
N GLU A 286 -13.57 4.53 2.58
CA GLU A 286 -14.47 3.78 3.50
CA GLU A 286 -14.32 3.83 3.61
C GLU A 286 -13.95 2.36 3.74
C GLU A 286 -13.87 2.40 3.80
N LEU A 287 -12.92 1.98 3.00
CA LEU A 287 -12.24 0.71 3.21
C LEU A 287 -11.31 0.99 4.40
N PRO A 288 -10.79 -0.06 5.07
CA PRO A 288 -9.92 0.14 6.25
C PRO A 288 -8.73 1.09 6.06
N TYR A 289 -8.51 1.95 7.05
CA TYR A 289 -7.41 2.90 7.03
C TYR A 289 -7.45 3.80 5.82
N GLY A 290 -8.60 4.37 5.48
CA GLY A 290 -8.63 5.16 4.25
C GLY A 290 -7.76 6.40 4.25
N ARG A 291 -7.29 6.82 3.09
N ARG A 291 -7.18 6.72 3.05
CA ARG A 291 -6.49 8.02 2.98
CA ARG A 291 -6.35 7.94 2.80
C ARG A 291 -5.22 8.00 3.83
C ARG A 291 -5.10 8.03 3.64
N SER A 292 -4.47 6.88 3.83
CA SER A 292 -3.26 6.79 4.63
C SER A 292 -2.09 6.54 3.73
N GLY A 293 -2.13 7.19 2.57
CA GLY A 293 -1.01 7.18 1.65
C GLY A 293 -0.34 8.56 1.73
N LEU A 294 0.84 8.69 1.15
CA LEU A 294 1.55 9.97 1.13
C LEU A 294 0.75 11.05 0.40
N MET A 295 -0.03 10.64 -0.60
CA MET A 295 -1.03 11.51 -1.20
C MET A 295 -2.31 10.73 -1.50
N THR A 296 -3.26 11.39 -2.13
CA THR A 296 -4.58 10.83 -2.35
C THR A 296 -4.95 10.85 -3.82
N ALA A 297 -5.36 9.69 -4.33
CA ALA A 297 -5.78 9.55 -5.72
C ALA A 297 -6.85 8.47 -5.82
N GLN A 298 -8.02 8.80 -5.31
CA GLN A 298 -9.10 7.83 -5.16
C GLN A 298 -10.32 8.10 -6.05
N GLU A 299 -10.11 8.85 -7.13
CA GLU A 299 -11.18 9.14 -8.09
C GLU A 299 -10.70 9.10 -9.53
N PRO A 300 -10.42 7.91 -10.07
CA PRO A 300 -10.00 7.85 -11.47
C PRO A 300 -11.07 8.33 -12.45
N TRP A 301 -12.34 8.22 -12.09
CA TRP A 301 -13.43 8.72 -12.93
C TRP A 301 -13.39 10.24 -13.12
N SER A 302 -12.91 10.97 -12.13
CA SER A 302 -12.83 12.43 -12.21
C SER A 302 -11.45 12.96 -12.57
N GLY A 303 -10.40 12.21 -12.22
CA GLY A 303 -9.04 12.68 -12.44
C GLY A 303 -8.53 13.49 -11.27
N HIS A 304 -9.40 13.68 -10.28
CA HIS A 304 -9.06 14.46 -9.09
C HIS A 304 -8.06 13.73 -8.18
N TYR A 305 -6.97 14.42 -7.84
CA TYR A 305 -6.05 13.91 -6.83
C TYR A 305 -5.64 15.02 -5.88
N VAL A 306 -5.08 14.65 -4.73
CA VAL A 306 -4.65 15.65 -3.77
C VAL A 306 -3.20 15.42 -3.39
N VAL A 307 -2.35 16.42 -3.66
CA VAL A 307 -0.96 16.36 -3.23
C VAL A 307 -0.90 16.72 -1.76
N ALA A 308 -0.96 15.72 -0.89
CA ALA A 308 -1.18 16.00 0.53
C ALA A 308 0.12 16.38 1.22
N SER A 309 0.01 16.98 2.40
CA SER A 309 1.17 17.42 3.20
C SER A 309 2.34 16.42 3.25
N PRO A 310 2.07 15.11 3.42
CA PRO A 310 3.21 14.20 3.60
C PRO A 310 4.19 14.18 2.43
N ILE A 311 3.68 14.40 1.22
CA ILE A 311 4.54 14.52 0.05
C ILE A 311 5.70 15.50 0.27
N TRP A 312 5.40 16.67 0.83
CA TRP A 312 6.42 17.69 1.00
C TRP A 312 7.32 17.40 2.21
N VAL A 313 6.76 16.78 3.25
CA VAL A 313 7.56 16.36 4.37
C VAL A 313 8.65 15.41 3.89
N SER A 314 8.25 14.44 3.07
CA SER A 314 9.18 13.53 2.41
C SER A 314 10.28 14.30 1.67
N ALA A 315 9.87 15.27 0.85
CA ALA A 315 10.78 16.07 0.04
C ALA A 315 11.91 16.66 0.87
N HIS A 316 11.58 17.11 2.08
CA HIS A 316 12.54 17.74 2.98
C HIS A 316 13.74 16.85 3.27
N THR A 317 13.57 15.56 3.05
CA THR A 317 14.64 14.61 3.26
C THR A 317 15.13 14.03 1.92
N THR A 318 14.17 13.58 1.11
CA THR A 318 14.49 12.84 -0.10
C THR A 318 15.17 13.64 -1.20
N GLN A 319 14.79 14.91 -1.37
CA GLN A 319 15.43 15.73 -2.40
C GLN A 319 16.86 16.05 -2.04
N PHE A 320 17.18 15.96 -0.76
CA PHE A 320 18.46 16.44 -0.26
C PHE A 320 19.32 15.33 0.32
N THR A 321 18.88 14.09 0.16
CA THR A 321 19.68 12.93 0.55
C THR A 321 19.51 11.83 -0.49
N GLN A 322 20.51 10.95 -0.56
CA GLN A 322 20.43 9.73 -1.36
C GLN A 322 21.00 8.52 -0.64
N PRO A 323 20.44 7.32 -0.90
CA PRO A 323 21.05 6.09 -0.41
C PRO A 323 22.57 6.14 -0.59
N GLY A 324 23.34 5.85 0.45
CA GLY A 324 24.78 5.88 0.31
C GLY A 324 25.42 7.12 0.92
N TRP A 325 24.61 8.15 1.19
CA TRP A 325 25.06 9.24 2.06
C TRP A 325 25.28 8.68 3.46
N TYR A 326 25.94 9.43 4.33
CA TYR A 326 26.08 9.01 5.72
C TYR A 326 25.46 9.98 6.72
N TYR A 327 24.85 9.45 7.78
CA TYR A 327 24.47 10.27 8.92
C TYR A 327 25.72 10.73 9.65
N LEU A 328 25.71 11.96 10.15
CA LEU A 328 26.76 12.42 11.04
C LEU A 328 26.58 11.76 12.39
N LYS A 329 27.64 11.69 13.18
CA LYS A 329 27.52 11.27 14.57
C LYS A 329 26.73 12.29 15.37
N THR A 330 26.78 13.53 14.92
CA THR A 330 26.14 14.60 15.67
C THR A 330 24.70 14.85 15.27
N VAL A 331 23.80 14.09 15.87
CA VAL A 331 22.37 14.30 15.69
C VAL A 331 21.73 14.21 17.06
N GLY A 332 20.55 14.80 17.23
CA GLY A 332 19.91 14.75 18.53
C GLY A 332 18.63 15.51 18.69
N HIS A 333 18.16 15.60 19.94
CA HIS A 333 17.02 16.43 20.32
C HIS A 333 17.44 17.87 20.68
N LEU A 334 16.55 18.81 20.37
CA LEU A 334 16.70 20.21 20.72
C LEU A 334 16.21 20.45 22.17
N GLU A 335 16.82 21.41 22.88
CA GLU A 335 16.49 21.61 24.30
C GLU A 335 14.99 21.71 24.61
N LYS A 336 14.27 22.47 23.81
CA LYS A 336 12.85 22.70 24.05
C LYS A 336 11.95 21.84 23.19
N GLY A 337 12.48 20.72 22.70
CA GLY A 337 11.70 19.79 21.90
C GLY A 337 11.93 19.85 20.39
N GLY A 338 11.77 18.70 19.73
CA GLY A 338 12.12 18.61 18.33
C GLY A 338 13.50 18.02 18.17
N SER A 339 13.93 17.84 16.93
CA SER A 339 15.18 17.12 16.67
C SER A 339 15.86 17.61 15.41
N TYR A 340 17.10 17.18 15.21
CA TYR A 340 17.83 17.49 14.00
C TYR A 340 18.67 16.30 13.60
N VAL A 341 18.75 16.07 12.29
CA VAL A 341 19.72 15.15 11.75
C VAL A 341 20.56 15.86 10.72
N ALA A 342 21.71 15.27 10.43
CA ALA A 342 22.58 15.85 9.42
C ALA A 342 23.28 14.73 8.67
N LEU A 343 23.48 14.95 7.38
CA LEU A 343 24.02 13.93 6.51
C LEU A 343 25.00 14.54 5.55
N THR A 344 25.97 13.75 5.13
CA THR A 344 26.89 14.16 4.07
C THR A 344 27.02 13.06 3.04
N ASP A 345 27.59 13.42 1.90
CA ASP A 345 27.79 12.49 0.81
C ASP A 345 29.27 12.18 0.59
N GLY A 346 30.12 12.67 1.49
CA GLY A 346 31.55 12.52 1.37
C GLY A 346 32.14 13.23 0.15
N LEU A 347 31.41 14.23 -0.35
CA LEU A 347 31.87 15.03 -1.49
C LEU A 347 31.82 16.52 -1.19
N GLY A 348 31.56 16.87 0.06
CA GLY A 348 31.50 18.26 0.48
C GLY A 348 30.09 18.78 0.65
N ASN A 349 29.10 17.98 0.31
CA ASN A 349 27.73 18.39 0.58
C ASN A 349 27.31 18.05 2.00
N LEU A 350 26.39 18.86 2.53
CA LEU A 350 25.86 18.69 3.87
C LEU A 350 24.37 18.96 3.82
N THR A 351 23.57 18.08 4.41
CA THR A 351 22.15 18.36 4.55
C THR A 351 21.76 18.31 6.02
N ILE A 352 20.91 19.24 6.44
CA ILE A 352 20.46 19.31 7.82
C ILE A 352 18.96 19.41 7.82
N ILE A 353 18.31 18.54 8.59
CA ILE A 353 16.85 18.48 8.61
C ILE A 353 16.35 18.65 10.03
N ILE A 354 15.55 19.68 10.24
CA ILE A 354 15.14 20.04 11.58
C ILE A 354 13.62 20.02 11.69
N GLU A 355 13.14 19.42 12.77
CA GLU A 355 11.73 19.16 12.98
C GLU A 355 11.32 19.57 14.38
N THR A 356 10.18 20.24 14.52
CA THR A 356 9.72 20.62 15.86
C THR A 356 8.29 20.19 16.03
N MET A 357 7.96 19.00 15.55
CA MET A 357 6.58 18.57 15.61
C MET A 357 6.10 18.47 17.04
N SER A 358 4.97 19.13 17.29
CA SER A 358 4.33 19.12 18.59
C SER A 358 3.57 17.83 18.77
N HIS A 359 3.34 17.47 20.01
CA HIS A 359 2.64 16.25 20.38
C HIS A 359 1.28 16.27 19.71
N GLN A 360 0.53 17.33 19.97
CA GLN A 360 -0.84 17.47 19.52
C GLN A 360 -1.06 17.40 18.02
N HIS A 361 -0.01 17.71 17.25
CA HIS A 361 -0.11 17.63 15.79
C HIS A 361 0.78 16.60 15.12
N SER A 362 1.17 15.54 15.81
CA SER A 362 2.03 14.57 15.16
C SER A 362 1.82 13.13 15.60
N MET A 363 0.64 12.82 16.12
N MET A 363 0.63 12.82 16.09
CA MET A 363 0.41 11.48 16.65
CA MET A 363 0.32 11.50 16.59
C MET A 363 0.20 10.47 15.53
C MET A 363 0.26 10.50 15.44
N CYS A 364 0.99 9.40 15.59
CA CYS A 364 0.88 8.30 14.66
C CYS A 364 -0.14 7.40 15.32
N ILE A 365 -0.72 6.49 14.56
CA ILE A 365 -1.66 5.56 15.16
C ILE A 365 -0.96 4.45 15.92
N ARG A 366 0.26 4.13 15.53
CA ARG A 366 1.00 3.04 16.17
C ARG A 366 2.49 3.32 16.39
N PRO A 367 2.90 3.60 17.63
CA PRO A 367 2.08 3.70 18.84
C PRO A 367 1.69 5.17 19.09
N TYR A 368 0.81 5.39 20.06
CA TYR A 368 0.53 6.72 20.58
C TYR A 368 1.50 7.10 21.70
N LEU A 369 2.18 8.24 21.51
CA LEU A 369 3.18 8.76 22.46
C LEU A 369 2.64 9.55 23.63
N PRO A 370 3.19 9.28 24.83
CA PRO A 370 2.85 10.17 25.96
C PRO A 370 3.25 11.60 25.62
N TYR A 371 2.52 12.56 26.16
CA TYR A 371 2.77 13.97 25.90
C TYR A 371 4.24 14.36 26.06
N TYR A 372 4.68 15.28 25.21
CA TYR A 372 5.99 15.90 25.32
C TYR A 372 5.84 17.36 24.91
N ASN A 373 6.73 18.22 25.38
CA ASN A 373 6.57 19.66 25.19
C ASN A 373 7.45 20.11 24.03
N VAL A 374 6.89 21.01 23.22
CA VAL A 374 7.68 21.78 22.28
C VAL A 374 7.29 23.22 22.53
N SER A 375 8.27 24.11 22.52
CA SER A 375 7.98 25.51 22.73
C SER A 375 8.98 26.31 21.93
N HIS A 376 8.76 27.61 21.83
N HIS A 376 8.76 27.61 21.83
CA HIS A 376 9.63 28.48 21.06
CA HIS A 376 9.63 28.46 21.03
C HIS A 376 11.07 28.40 21.55
C HIS A 376 11.06 28.35 21.55
N GLN A 377 12.01 28.27 20.63
CA GLN A 377 13.41 28.18 21.01
C GLN A 377 14.33 28.68 19.92
N LEU A 378 15.54 29.01 20.33
CA LEU A 378 16.61 29.35 19.42
C LEU A 378 17.58 28.21 19.37
N ALA A 379 18.10 27.95 18.18
CA ALA A 379 19.10 26.91 18.05
C ALA A 379 20.28 27.45 17.28
N THR A 380 21.46 27.23 17.83
CA THR A 380 22.68 27.71 17.21
C THR A 380 23.38 26.48 16.69
N PHE A 381 23.85 26.53 15.47
CA PHE A 381 24.55 25.39 14.91
C PHE A 381 25.95 25.79 14.57
N THR A 382 26.91 24.95 14.92
CA THR A 382 28.28 25.25 14.56
C THR A 382 28.90 24.12 13.75
N LEU A 383 29.46 24.45 12.58
CA LEU A 383 30.08 23.44 11.75
C LEU A 383 31.55 23.32 12.08
N LYS A 384 31.93 22.15 12.55
CA LYS A 384 33.32 21.84 12.80
C LYS A 384 33.87 20.86 11.78
N GLY A 385 35.15 20.54 11.93
CA GLY A 385 35.82 19.64 11.02
C GLY A 385 35.65 20.09 9.58
N SER A 386 35.63 19.11 8.69
CA SER A 386 35.57 19.35 7.25
C SER A 386 34.35 20.15 6.80
N LEU A 387 33.51 20.57 7.75
CA LEU A 387 32.26 21.22 7.40
C LEU A 387 32.41 22.71 7.55
N ARG A 388 33.56 23.10 8.08
CA ARG A 388 33.88 24.49 8.36
C ARG A 388 33.92 25.28 7.06
N GLU A 389 34.30 24.62 5.97
CA GLU A 389 34.50 25.30 4.71
C GLU A 389 33.21 25.59 3.96
N ILE A 390 32.07 25.28 4.56
CA ILE A 390 30.81 25.62 3.91
C ILE A 390 30.51 27.07 4.25
N GLN A 391 30.17 27.87 3.23
CA GLN A 391 29.95 29.29 3.43
C GLN A 391 28.54 29.69 3.05
N GLU A 392 27.78 28.71 2.57
CA GLU A 392 26.47 28.97 1.99
C GLU A 392 25.58 27.76 2.11
N LEU A 393 24.33 27.99 2.50
CA LEU A 393 23.35 26.92 2.57
C LEU A 393 22.01 27.37 2.00
N GLN A 394 21.41 26.51 1.18
CA GLN A 394 20.04 26.74 0.73
C GLN A 394 19.10 26.41 1.86
N VAL A 395 17.96 27.09 1.88
CA VAL A 395 17.02 26.91 2.97
C VAL A 395 15.64 26.56 2.47
N TRP A 396 15.09 25.47 2.99
CA TRP A 396 13.77 25.03 2.64
C TRP A 396 12.92 24.93 3.90
N TYR A 397 11.69 25.40 3.84
CA TYR A 397 10.91 25.56 5.06
C TYR A 397 9.46 25.10 4.87
N THR A 398 8.95 24.36 5.84
CA THR A 398 7.55 23.97 5.84
C THR A 398 6.91 24.28 7.18
N LYS A 399 5.70 24.81 7.14
CA LYS A 399 4.94 25.02 8.37
C LYS A 399 3.62 24.27 8.32
N LEU A 400 3.39 23.42 9.32
CA LEU A 400 2.20 22.57 9.34
C LEU A 400 1.15 23.19 10.25
N GLY A 401 -0.12 23.04 9.88
CA GLY A 401 -1.21 23.51 10.72
C GLY A 401 -2.35 24.08 9.89
N GLN A 405 -1.99 27.63 8.19
CA GLN A 405 -2.59 26.44 7.58
C GLN A 405 -1.77 26.01 6.36
N ARG A 406 -0.82 26.88 6.02
CA ARG A 406 0.10 26.83 4.88
C ARG A 406 1.35 27.20 5.67
N LEU A 407 2.62 27.05 5.25
CA LEU A 407 3.33 26.98 3.96
C LEU A 407 4.16 25.71 3.72
N HIS A 408 4.00 25.08 2.56
CA HIS A 408 4.61 23.79 2.32
C HIS A 408 5.77 23.93 1.32
N PHE A 409 6.93 23.46 1.79
CA PHE A 409 8.18 23.34 1.01
C PHE A 409 8.55 24.61 0.25
N LYS A 410 8.49 25.73 0.96
CA LYS A 410 8.86 27.03 0.40
C LYS A 410 10.37 27.23 0.55
N GLN A 411 11.02 27.64 -0.53
CA GLN A 411 12.44 27.96 -0.48
C GLN A 411 12.66 29.37 0.06
N LEU A 412 13.30 29.48 1.21
CA LEU A 412 13.58 30.76 1.83
C LEU A 412 14.88 31.36 1.33
N ASP A 413 15.24 32.52 1.89
CA ASP A 413 16.49 33.16 1.52
C ASP A 413 17.68 32.33 1.97
N THR A 414 18.64 32.17 1.07
CA THR A 414 19.92 31.59 1.36
C THR A 414 20.58 32.13 2.64
N LEU A 415 21.20 31.23 3.42
CA LEU A 415 22.07 31.62 4.56
C LEU A 415 23.53 31.62 4.21
N TRP A 416 24.21 32.67 4.69
CA TRP A 416 25.62 32.84 4.45
C TRP A 416 26.43 32.58 5.71
N LEU A 417 27.53 31.84 5.54
CA LEU A 417 28.41 31.50 6.66
C LEU A 417 29.82 32.08 6.59
N LEU A 418 29.87 33.31 6.10
CA LEU A 418 31.11 34.06 5.80
C LEU A 418 31.86 34.47 7.06
N ASP A 419 31.16 34.51 8.18
CA ASP A 419 31.71 35.04 9.43
C ASP A 419 33.03 34.31 9.82
N GLY A 420 33.35 33.20 9.17
CA GLY A 420 34.61 32.49 9.46
C GLY A 420 34.37 31.57 10.63
N SER A 421 33.14 31.66 11.11
CA SER A 421 32.73 30.90 12.24
C SER A 421 31.65 29.96 11.85
N GLY A 422 32.01 28.70 11.64
CA GLY A 422 31.11 27.66 11.19
C GLY A 422 29.73 27.68 11.86
N SER A 423 29.18 28.86 12.07
CA SER A 423 27.95 29.02 12.84
C SER A 423 26.91 30.03 12.37
N PHE A 424 25.69 29.69 12.79
CA PHE A 424 24.46 30.39 12.48
C PHE A 424 23.41 29.98 13.49
N THR A 425 22.35 30.77 13.60
CA THR A 425 21.31 30.52 14.59
C THR A 425 19.93 30.58 13.93
N LEU A 426 18.99 29.77 14.40
CA LEU A 426 17.64 29.88 13.90
C LEU A 426 16.63 30.01 15.02
N GLU A 427 15.58 30.77 14.73
CA GLU A 427 14.42 30.86 15.60
C GLU A 427 13.42 29.80 15.16
N LEU A 428 13.22 28.81 16.03
CA LEU A 428 12.30 27.72 15.77
C LEU A 428 11.01 27.88 16.55
N GLU A 429 9.90 27.65 15.88
CA GLU A 429 8.60 27.59 16.55
C GLU A 429 8.06 26.17 16.50
N GLU A 430 6.76 26.01 16.71
CA GLU A 430 6.23 24.65 16.82
C GLU A 430 5.65 24.18 15.48
N ASP A 431 5.80 22.88 15.22
CA ASP A 431 5.23 22.26 14.03
C ASP A 431 5.92 22.71 12.75
N GLU A 432 7.22 22.99 12.82
CA GLU A 432 7.96 23.37 11.61
C GLU A 432 9.01 22.36 11.13
N ILE A 433 9.39 22.53 9.87
CA ILE A 433 10.52 21.80 9.30
C ILE A 433 11.39 22.78 8.54
N PHE A 434 12.69 22.67 8.75
CA PHE A 434 13.67 23.43 8.00
C PHE A 434 14.57 22.39 7.36
N THR A 435 14.93 22.57 6.09
CA THR A 435 16.04 21.80 5.54
C THR A 435 17.15 22.75 5.09
N LEU A 436 18.37 22.46 5.52
CA LEU A 436 19.50 23.25 5.13
C LEU A 436 20.54 22.37 4.45
N THR A 437 20.85 22.70 3.21
CA THR A 437 21.67 21.82 2.41
C THR A 437 22.53 22.65 1.49
N THR A 438 23.66 22.09 1.09
CA THR A 438 24.52 22.76 0.14
C THR A 438 24.02 22.52 -1.27
N LEU A 439 23.10 21.56 -1.43
CA LEU A 439 22.60 21.18 -2.74
C LEU A 439 21.68 22.24 -3.33
N THR A 440 21.82 22.47 -4.63
CA THR A 440 21.06 23.49 -5.33
C THR A 440 19.93 22.92 -6.19
N THR A 441 19.70 21.62 -6.09
CA THR A 441 18.78 20.96 -7.01
C THR A 441 17.35 20.94 -6.49
N GLY A 442 17.10 21.59 -5.35
CA GLY A 442 15.78 21.47 -4.75
C GLY A 442 14.71 22.11 -5.60
N ARG A 443 13.55 21.49 -5.62
CA ARG A 443 12.43 22.02 -6.38
C ARG A 443 11.07 21.61 -5.83
N LYS A 444 10.19 22.57 -5.63
CA LYS A 444 8.80 22.25 -5.35
C LYS A 444 8.06 22.03 -6.68
N GLY A 445 8.14 20.81 -7.18
CA GLY A 445 7.42 20.42 -8.38
C GLY A 445 5.97 20.87 -8.40
N SER A 446 5.48 21.19 -9.58
CA SER A 446 4.13 21.73 -9.71
C SER A 446 3.47 21.38 -11.03
N TYR A 447 2.24 20.88 -10.94
CA TYR A 447 1.36 20.80 -12.09
C TYR A 447 0.11 21.62 -11.80
N PRO A 448 -0.64 21.99 -12.85
CA PRO A 448 -1.87 22.74 -12.62
C PRO A 448 -2.83 21.91 -11.80
N PRO A 449 -3.79 22.54 -11.12
CA PRO A 449 -4.71 21.74 -10.30
C PRO A 449 -5.46 20.76 -11.18
N PRO A 450 -5.76 19.58 -10.65
CA PRO A 450 -6.50 18.59 -11.43
C PRO A 450 -7.99 18.85 -11.23
N PRO A 451 -8.87 18.20 -12.03
CA PRO A 451 -10.31 18.38 -11.88
C PRO A 451 -10.80 18.27 -10.43
N SER A 452 -11.89 18.96 -10.12
CA SER A 452 -12.44 18.92 -8.78
C SER A 452 -12.98 17.54 -8.44
N SER A 453 -13.28 17.33 -7.17
CA SER A 453 -13.82 16.06 -6.72
C SER A 453 -15.23 15.87 -7.24
N LYS A 454 -15.57 14.63 -7.58
CA LYS A 454 -16.92 14.29 -8.01
C LYS A 454 -17.24 12.90 -7.50
N PRO A 455 -18.50 12.67 -7.10
CA PRO A 455 -18.91 11.33 -6.69
C PRO A 455 -18.72 10.33 -7.81
N PHE A 456 -18.57 9.06 -7.47
CA PHE A 456 -18.63 7.99 -8.46
C PHE A 456 -19.91 8.20 -9.28
N PRO A 457 -19.84 7.97 -10.59
CA PRO A 457 -20.99 8.16 -11.51
C PRO A 457 -22.26 7.43 -11.05
N THR A 458 -23.40 8.12 -11.06
CA THR A 458 -24.66 7.55 -10.58
C THR A 458 -25.29 6.59 -11.58
N ASN A 459 -24.79 6.61 -12.81
CA ASN A 459 -25.05 5.56 -13.77
C ASN A 459 -23.74 5.02 -14.31
N TYR A 460 -23.60 3.70 -14.30
CA TYR A 460 -22.31 3.12 -14.63
C TYR A 460 -22.49 1.75 -15.24
N LYS A 461 -21.72 1.46 -16.28
CA LYS A 461 -21.86 0.20 -17.02
C LYS A 461 -20.50 -0.37 -17.42
N ASP A 462 -20.36 -1.69 -17.37
CA ASP A 462 -19.22 -2.33 -17.99
C ASP A 462 -19.60 -3.64 -18.65
N ASP A 463 -19.33 -3.75 -19.94
CA ASP A 463 -19.58 -4.98 -20.68
C ASP A 463 -18.32 -5.81 -20.85
N PHE A 464 -17.22 -5.38 -20.25
CA PHE A 464 -15.93 -6.08 -20.24
C PHE A 464 -15.43 -6.50 -21.62
N ASN A 465 -15.92 -5.84 -22.67
CA ASN A 465 -15.50 -6.14 -24.03
C ASN A 465 -14.21 -5.44 -24.42
N VAL A 466 -13.11 -5.96 -23.91
CA VAL A 466 -11.79 -5.43 -24.21
C VAL A 466 -10.95 -6.62 -24.60
N GLU A 467 -10.38 -6.58 -25.79
CA GLU A 467 -9.73 -7.77 -26.33
C GLU A 467 -8.31 -7.91 -25.84
N TYR A 468 -7.61 -6.79 -25.77
CA TYR A 468 -6.26 -6.81 -25.25
C TYR A 468 -6.11 -5.84 -24.08
N PRO A 469 -6.71 -6.17 -22.93
CA PRO A 469 -6.69 -5.17 -21.86
C PRO A 469 -5.28 -4.81 -21.39
N LEU A 470 -5.10 -3.58 -20.94
CA LEU A 470 -3.81 -3.14 -20.43
C LEU A 470 -3.52 -3.74 -19.07
N PHE A 471 -4.57 -3.94 -18.28
CA PHE A 471 -4.46 -4.62 -17.01
C PHE A 471 -5.39 -5.83 -16.95
N SER A 472 -5.13 -6.74 -16.03
CA SER A 472 -5.84 -8.02 -16.00
C SER A 472 -7.26 -7.92 -15.44
N GLU A 473 -7.58 -6.80 -14.79
CA GLU A 473 -8.95 -6.62 -14.31
C GLU A 473 -9.60 -5.30 -14.74
N ALA A 474 -10.92 -5.31 -14.81
CA ALA A 474 -11.70 -4.16 -15.25
C ALA A 474 -11.63 -3.09 -14.17
N PRO A 475 -11.58 -1.82 -14.58
CA PRO A 475 -11.47 -0.66 -13.68
C PRO A 475 -12.51 -0.65 -12.57
N ASN A 476 -12.12 -0.10 -11.42
CA ASN A 476 -13.02 0.18 -10.30
C ASN A 476 -13.52 -1.03 -9.51
N PHE A 477 -13.44 -2.23 -10.08
CA PHE A 477 -13.79 -3.40 -9.28
C PHE A 477 -12.66 -3.72 -8.32
N ALA A 478 -12.96 -3.61 -7.03
CA ALA A 478 -11.99 -3.87 -5.99
C ALA A 478 -12.29 -5.19 -5.29
N ASP A 479 -11.55 -6.23 -5.67
CA ASP A 479 -11.74 -7.55 -5.08
C ASP A 479 -11.46 -7.54 -3.58
N GLN A 480 -12.39 -8.10 -2.81
CA GLN A 480 -12.22 -8.11 -1.35
C GLN A 480 -12.09 -9.54 -0.84
N THR A 481 -12.51 -10.49 -1.67
CA THR A 481 -12.15 -11.89 -1.47
C THR A 481 -12.28 -12.57 -2.83
N GLY A 482 -11.31 -13.41 -3.17
CA GLY A 482 -11.27 -13.96 -4.50
C GLY A 482 -10.53 -13.01 -5.43
N VAL A 483 -10.42 -13.41 -6.69
CA VAL A 483 -9.75 -12.61 -7.71
C VAL A 483 -10.59 -12.64 -8.98
N PHE A 484 -10.96 -11.47 -9.47
CA PHE A 484 -11.74 -11.32 -10.69
C PHE A 484 -10.91 -10.76 -11.83
N GLU A 485 -11.05 -11.36 -13.02
CA GLU A 485 -10.17 -11.07 -14.15
C GLU A 485 -10.91 -11.00 -15.49
N TYR A 486 -10.38 -10.22 -16.43
CA TYR A 486 -10.89 -10.26 -17.79
C TYR A 486 -10.78 -11.68 -18.27
N TYR A 487 -11.78 -12.16 -19.02
CA TYR A 487 -11.75 -13.52 -19.52
C TYR A 487 -12.29 -13.59 -20.95
N MET A 488 -11.56 -14.26 -21.83
CA MET A 488 -12.03 -14.37 -23.20
C MET A 488 -12.45 -15.81 -23.51
N ASN A 489 -13.68 -15.96 -23.98
CA ASN A 489 -14.22 -17.27 -24.34
C ASN A 489 -14.54 -17.27 -25.83
N ASN A 490 -13.57 -17.63 -26.67
CA ASN A 490 -13.81 -17.64 -28.12
C ASN A 490 -15.00 -18.49 -28.58
N GLU A 491 -15.43 -19.41 -27.73
CA GLU A 491 -16.49 -20.34 -28.14
C GLU A 491 -17.88 -19.85 -27.81
N ASP A 492 -17.98 -18.60 -27.41
CA ASP A 492 -19.28 -18.03 -27.20
C ASP A 492 -19.13 -16.72 -27.93
N ARG A 493 -20.22 -16.21 -28.47
CA ARG A 493 -20.21 -14.95 -29.21
C ARG A 493 -20.73 -13.78 -28.41
N GLU A 494 -21.90 -14.02 -27.82
CA GLU A 494 -22.63 -13.02 -27.07
C GLU A 494 -21.83 -12.73 -25.79
N HIS A 495 -21.15 -13.75 -25.27
CA HIS A 495 -20.36 -13.59 -24.06
C HIS A 495 -18.88 -13.94 -24.28
N ARG A 496 -18.32 -13.43 -25.36
CA ARG A 496 -16.92 -13.64 -25.71
C ARG A 496 -15.98 -13.03 -24.68
N PHE A 497 -16.40 -11.90 -24.12
CA PHE A 497 -15.56 -11.11 -23.22
C PHE A 497 -16.24 -10.90 -21.88
N THR A 498 -15.76 -11.57 -20.83
CA THR A 498 -16.42 -11.44 -19.54
C THR A 498 -15.47 -11.10 -18.38
N LEU A 499 -16.02 -10.96 -17.17
CA LEU A 499 -15.22 -10.93 -15.96
C LEU A 499 -15.39 -12.25 -15.23
N ARG A 500 -14.28 -12.85 -14.82
CA ARG A 500 -14.32 -14.17 -14.20
C ARG A 500 -13.63 -14.22 -12.83
N GLN A 501 -14.26 -14.91 -11.89
CA GLN A 501 -13.62 -15.21 -10.61
C GLN A 501 -12.77 -16.46 -10.81
N VAL A 502 -11.48 -16.35 -10.55
CA VAL A 502 -10.53 -17.39 -10.96
C VAL A 502 -9.95 -18.25 -9.82
N LEU A 503 -10.18 -17.87 -8.56
CA LEU A 503 -9.70 -18.73 -7.47
C LEU A 503 -10.58 -19.96 -7.33
N ASN A 504 -9.95 -21.13 -7.23
CA ASN A 504 -10.67 -22.36 -6.95
C ASN A 504 -10.35 -22.98 -5.58
N GLN A 505 -9.56 -22.27 -4.78
CA GLN A 505 -9.42 -22.63 -3.38
C GLN A 505 -8.97 -21.47 -2.53
N ARG A 506 -9.36 -21.52 -1.26
CA ARG A 506 -9.01 -20.49 -0.30
C ARG A 506 -7.50 -20.32 -0.27
N PRO A 507 -7.01 -19.08 -0.32
CA PRO A 507 -5.58 -18.81 -0.16
C PRO A 507 -5.06 -19.17 1.22
N ILE A 508 -3.73 -19.25 1.35
CA ILE A 508 -3.07 -19.13 2.63
C ILE A 508 -3.26 -17.69 3.05
N THR A 509 -4.26 -17.48 3.87
CA THR A 509 -4.71 -16.14 4.17
C THR A 509 -3.82 -15.39 5.11
N TRP A 510 -3.84 -14.06 4.97
CA TRP A 510 -3.14 -13.15 5.84
C TRP A 510 -4.19 -12.58 6.77
N ALA A 511 -5.29 -12.16 6.14
CA ALA A 511 -6.47 -11.64 6.81
C ALA A 511 -7.52 -12.74 6.98
N ALA A 512 -8.65 -12.43 7.60
CA ALA A 512 -9.76 -13.37 7.62
C ALA A 512 -10.58 -13.15 6.36
N ASP A 513 -10.14 -13.69 5.22
CA ASP A 513 -10.94 -13.60 4.00
C ASP A 513 -12.36 -14.13 4.24
N ALA A 514 -13.34 -13.58 3.52
CA ALA A 514 -14.69 -14.18 3.45
C ALA A 514 -14.68 -15.63 2.97
N SER A 515 -15.78 -16.33 3.23
CA SER A 515 -16.03 -17.66 2.68
C SER A 515 -16.58 -17.57 1.27
N SER A 516 -17.09 -16.41 0.92
CA SER A 516 -17.59 -16.13 -0.42
C SER A 516 -16.68 -15.09 -1.09
N THR A 517 -16.51 -15.20 -2.39
CA THR A 517 -15.73 -14.19 -3.11
C THR A 517 -16.60 -12.96 -3.37
N ILE A 518 -15.96 -11.80 -3.49
CA ILE A 518 -16.72 -10.56 -3.67
C ILE A 518 -15.84 -9.44 -4.19
N SER A 519 -16.37 -8.68 -5.13
CA SER A 519 -15.67 -7.48 -5.58
C SER A 519 -16.65 -6.33 -5.44
N VAL A 520 -16.19 -5.21 -4.91
CA VAL A 520 -17.08 -4.10 -4.69
C VAL A 520 -16.74 -2.94 -5.61
N ILE A 521 -17.72 -2.08 -5.84
CA ILE A 521 -17.57 -1.00 -6.78
C ILE A 521 -18.55 0.14 -6.48
N GLY A 522 -18.13 1.36 -6.77
CA GLY A 522 -19.04 2.49 -6.75
C GLY A 522 -18.86 3.52 -5.66
N ASP A 523 -19.96 3.94 -5.07
CA ASP A 523 -19.96 5.03 -4.11
C ASP A 523 -20.56 4.51 -2.82
N HIS A 524 -19.72 4.41 -1.79
CA HIS A 524 -20.14 3.95 -0.48
C HIS A 524 -21.31 4.73 0.08
N HIS A 525 -21.48 5.96 -0.37
CA HIS A 525 -22.59 6.76 0.08
C HIS A 525 -23.93 6.31 -0.52
N TRP A 526 -23.89 5.58 -1.63
CA TRP A 526 -25.13 5.15 -2.29
C TRP A 526 -26.07 4.46 -1.32
N THR A 527 -27.37 4.75 -1.44
CA THR A 527 -28.36 4.20 -0.52
C THR A 527 -29.49 3.54 -1.32
N ASN A 528 -29.93 4.20 -2.38
CA ASN A 528 -30.91 3.60 -3.26
C ASN A 528 -30.25 3.32 -4.60
N MET A 529 -30.45 2.12 -5.10
CA MET A 529 -29.72 1.69 -6.27
C MET A 529 -30.37 0.49 -6.94
N THR A 530 -30.08 0.33 -8.21
CA THR A 530 -30.48 -0.85 -8.95
C THR A 530 -29.22 -1.42 -9.58
N VAL A 531 -28.95 -2.70 -9.30
CA VAL A 531 -27.78 -3.35 -9.82
C VAL A 531 -28.19 -4.48 -10.72
N GLN A 532 -27.56 -4.56 -11.88
CA GLN A 532 -27.87 -5.65 -12.79
C GLN A 532 -26.61 -6.25 -13.37
N CYS A 533 -26.63 -7.57 -13.54
CA CYS A 533 -25.49 -8.26 -14.10
C CYS A 533 -25.92 -9.58 -14.72
N ASP A 534 -25.22 -9.97 -15.78
CA ASP A 534 -25.37 -11.30 -16.32
C ASP A 534 -24.44 -12.20 -15.52
N VAL A 535 -24.91 -13.37 -15.15
CA VAL A 535 -24.09 -14.29 -14.38
C VAL A 535 -24.08 -15.69 -14.97
N TYR A 536 -23.01 -16.42 -14.67
CA TYR A 536 -22.78 -17.75 -15.21
C TYR A 536 -22.09 -18.60 -14.15
N ILE A 537 -22.79 -19.61 -13.64
CA ILE A 537 -22.25 -20.52 -12.65
C ILE A 537 -21.55 -21.70 -13.33
N GLU A 538 -20.26 -21.92 -13.05
CA GLU A 538 -19.54 -22.99 -13.76
C GLU A 538 -19.57 -24.36 -13.09
N THR A 539 -19.94 -24.41 -11.81
CA THR A 539 -19.88 -25.65 -11.02
C THR A 539 -21.26 -26.26 -10.88
N PRO A 540 -21.46 -27.45 -11.45
CA PRO A 540 -22.80 -28.07 -11.39
C PRO A 540 -23.27 -28.38 -9.97
N ARG A 541 -24.58 -28.32 -9.76
N ARG A 541 -24.58 -28.27 -9.74
CA ARG A 541 -25.24 -28.65 -8.49
CA ARG A 541 -25.21 -28.69 -8.49
C ARG A 541 -24.97 -27.66 -7.35
C ARG A 541 -24.96 -27.73 -7.33
N SER A 542 -23.69 -27.40 -7.08
CA SER A 542 -23.29 -26.75 -5.84
C SER A 542 -22.90 -25.29 -6.00
N GLY A 543 -22.80 -24.82 -7.24
CA GLY A 543 -22.30 -23.48 -7.47
C GLY A 543 -23.34 -22.41 -7.20
N GLY A 544 -22.88 -21.20 -6.91
CA GLY A 544 -23.77 -20.11 -6.59
C GLY A 544 -23.09 -18.78 -6.81
N VAL A 545 -23.88 -17.76 -7.11
CA VAL A 545 -23.38 -16.42 -7.34
C VAL A 545 -24.33 -15.40 -6.74
N PHE A 546 -23.89 -14.17 -6.62
CA PHE A 546 -24.77 -13.11 -6.14
C PHE A 546 -24.43 -11.76 -6.75
N ILE A 547 -25.38 -10.84 -6.62
CA ILE A 547 -25.14 -9.43 -6.81
C ILE A 547 -25.65 -8.73 -5.56
N ALA A 548 -25.11 -7.55 -5.26
CA ALA A 548 -25.41 -6.92 -3.97
C ALA A 548 -25.37 -5.41 -4.02
N GLY A 549 -26.04 -4.79 -3.07
CA GLY A 549 -25.98 -3.34 -2.88
C GLY A 549 -25.93 -2.98 -1.40
N ARG A 550 -25.62 -1.72 -1.12
CA ARG A 550 -25.46 -1.25 0.26
C ARG A 550 -24.38 -2.01 1.03
N VAL A 551 -23.39 -2.55 0.34
CA VAL A 551 -22.31 -3.26 1.02
C VAL A 551 -21.42 -2.29 1.79
N ASN A 552 -21.39 -2.44 3.10
CA ASN A 552 -20.89 -1.38 3.98
C ASN A 552 -19.48 -1.56 4.54
N LYS A 553 -18.91 -2.76 4.38
CA LYS A 553 -17.57 -2.99 4.91
C LYS A 553 -16.76 -3.79 3.90
N GLY A 554 -15.46 -3.58 3.88
CA GLY A 554 -14.58 -4.41 3.07
C GLY A 554 -13.20 -4.58 3.67
N GLY A 555 -12.27 -5.05 2.84
CA GLY A 555 -10.87 -5.17 3.20
C GLY A 555 -10.75 -6.20 4.28
N ILE A 556 -9.88 -5.88 5.22
CA ILE A 556 -9.66 -6.67 6.42
C ILE A 556 -10.98 -7.05 7.11
N LEU A 557 -11.98 -6.19 6.98
CA LEU A 557 -13.25 -6.41 7.64
C LEU A 557 -14.31 -7.01 6.73
N ILE A 558 -13.91 -7.55 5.58
CA ILE A 558 -14.87 -8.01 4.57
C ILE A 558 -15.87 -9.06 5.07
N ARG A 559 -15.43 -9.93 5.98
CA ARG A 559 -16.32 -10.90 6.63
C ARG A 559 -17.52 -10.25 7.31
N SER A 560 -17.34 -9.00 7.70
CA SER A 560 -18.35 -8.26 8.43
C SER A 560 -19.36 -7.54 7.54
N ALA A 561 -19.25 -7.71 6.22
CA ALA A 561 -20.07 -6.93 5.30
C ALA A 561 -21.55 -7.21 5.48
N THR A 562 -22.34 -6.15 5.60
CA THR A 562 -23.78 -6.26 5.49
C THR A 562 -24.25 -5.52 4.25
N GLY A 563 -25.55 -5.56 3.99
CA GLY A 563 -26.09 -5.01 2.76
C GLY A 563 -27.30 -5.81 2.30
N VAL A 564 -27.51 -5.87 0.98
CA VAL A 564 -28.58 -6.71 0.43
C VAL A 564 -27.96 -7.62 -0.61
N PHE A 565 -27.98 -8.93 -0.35
CA PHE A 565 -27.36 -9.90 -1.23
C PHE A 565 -28.40 -10.79 -1.91
N PHE A 566 -28.38 -10.82 -3.24
CA PHE A 566 -29.34 -11.59 -4.03
C PHE A 566 -28.57 -12.79 -4.58
N TRP A 567 -28.72 -13.96 -3.96
CA TRP A 567 -28.00 -15.17 -4.38
C TRP A 567 -28.83 -16.05 -5.30
N ILE A 568 -28.19 -16.65 -6.30
CA ILE A 568 -28.83 -17.78 -6.98
C ILE A 568 -27.90 -18.99 -6.99
N PHE A 569 -28.48 -20.18 -6.94
CA PHE A 569 -27.69 -21.40 -6.85
C PHE A 569 -28.06 -22.39 -7.93
N ALA A 570 -27.11 -23.26 -8.25
CA ALA A 570 -27.24 -24.19 -9.37
C ALA A 570 -28.17 -25.36 -9.02
N ASN A 571 -28.60 -25.44 -7.77
CA ASN A 571 -29.60 -26.44 -7.41
C ASN A 571 -31.03 -25.97 -7.52
N GLY A 572 -31.22 -24.83 -8.19
CA GLY A 572 -32.54 -24.29 -8.44
C GLY A 572 -33.13 -23.52 -7.27
N SER A 573 -32.30 -22.77 -6.57
CA SER A 573 -32.78 -21.97 -5.44
C SER A 573 -32.22 -20.57 -5.45
N TYR A 574 -32.83 -19.69 -4.67
CA TYR A 574 -32.31 -18.35 -4.46
C TYR A 574 -32.46 -17.94 -2.99
N ARG A 575 -31.65 -16.97 -2.57
CA ARG A 575 -31.78 -16.39 -1.24
C ARG A 575 -31.48 -14.92 -1.28
N VAL A 576 -32.11 -14.18 -0.38
CA VAL A 576 -31.75 -12.78 -0.18
C VAL A 576 -31.30 -12.63 1.26
N THR A 577 -30.06 -12.19 1.46
CA THR A 577 -29.53 -12.06 2.81
C THR A 577 -29.12 -10.63 3.15
N ALA A 578 -28.95 -10.36 4.44
CA ALA A 578 -28.53 -9.05 4.92
C ALA A 578 -27.00 -9.02 5.04
N ASP A 579 -26.37 -10.19 5.00
CA ASP A 579 -24.92 -10.31 5.21
C ASP A 579 -24.22 -11.25 4.23
N LEU A 580 -22.96 -10.96 3.96
CA LEU A 580 -22.14 -11.80 3.09
C LEU A 580 -22.03 -13.22 3.64
N GLY A 581 -21.99 -13.35 4.96
CA GLY A 581 -21.91 -14.65 5.61
C GLY A 581 -23.17 -15.47 5.40
N GLY A 582 -24.23 -14.80 4.98
CA GLY A 582 -25.50 -15.45 4.75
C GLY A 582 -26.25 -15.91 5.99
N TRP A 583 -26.00 -15.29 7.13
CA TRP A 583 -26.64 -15.73 8.36
C TRP A 583 -28.02 -15.13 8.57
N ILE A 584 -28.29 -13.98 7.96
CA ILE A 584 -29.57 -13.31 8.15
C ILE A 584 -30.37 -13.32 6.86
N THR A 585 -31.58 -13.90 6.91
CA THR A 585 -32.40 -14.04 5.72
C THR A 585 -33.46 -12.95 5.57
N TYR A 586 -33.52 -12.35 4.39
CA TYR A 586 -34.60 -11.45 4.05
C TYR A 586 -35.68 -12.19 3.27
N ALA A 587 -35.23 -13.19 2.51
CA ALA A 587 -36.11 -13.96 1.62
C ALA A 587 -35.37 -15.16 1.03
N SER A 588 -36.11 -16.18 0.63
CA SER A 588 -35.51 -17.34 -0.02
C SER A 588 -36.60 -18.13 -0.73
N GLY A 589 -36.19 -19.00 -1.66
CA GLY A 589 -37.14 -19.72 -2.46
C GLY A 589 -36.53 -20.52 -3.59
N HIS A 590 -37.37 -20.93 -4.53
CA HIS A 590 -36.92 -21.73 -5.66
C HIS A 590 -36.79 -20.87 -6.89
N ALA A 591 -35.89 -21.25 -7.79
CA ALA A 591 -35.73 -20.53 -9.04
C ALA A 591 -35.37 -21.51 -10.13
N ASP A 592 -35.76 -21.17 -11.36
CA ASP A 592 -35.36 -21.97 -12.52
C ASP A 592 -33.92 -21.62 -12.87
N VAL A 593 -32.98 -22.19 -12.12
CA VAL A 593 -31.58 -21.83 -12.24
C VAL A 593 -30.72 -23.07 -12.18
N THR A 594 -29.74 -23.15 -13.09
CA THR A 594 -28.84 -24.29 -13.18
C THR A 594 -27.43 -23.80 -13.53
N ALA A 595 -26.44 -24.67 -13.44
CA ALA A 595 -25.08 -24.32 -13.84
C ALA A 595 -24.97 -24.17 -15.36
N LYS A 596 -23.94 -23.45 -15.80
N LYS A 596 -23.97 -23.44 -15.80
CA LYS A 596 -23.58 -23.34 -17.22
CA LYS A 596 -23.58 -23.34 -17.19
C LYS A 596 -24.68 -22.71 -18.06
C LYS A 596 -24.69 -22.69 -18.08
N ARG A 597 -25.43 -21.77 -17.49
CA ARG A 597 -26.40 -21.02 -18.26
C ARG A 597 -26.34 -19.57 -17.84
N TRP A 598 -26.49 -18.69 -18.82
CA TRP A 598 -26.43 -17.27 -18.53
C TRP A 598 -27.78 -16.78 -18.04
N TYR A 599 -27.77 -16.07 -16.92
CA TYR A 599 -28.97 -15.45 -16.41
C TYR A 599 -28.70 -13.98 -16.19
N THR A 600 -29.70 -13.13 -16.41
CA THR A 600 -29.59 -11.74 -15.99
C THR A 600 -30.23 -11.51 -14.63
N LEU A 601 -29.45 -11.03 -13.68
CA LEU A 601 -29.96 -10.71 -12.36
C LEU A 601 -30.15 -9.21 -12.20
N THR A 602 -31.27 -8.81 -11.61
CA THR A 602 -31.47 -7.42 -11.25
C THR A 602 -31.87 -7.36 -9.78
N LEU A 603 -31.32 -6.37 -9.08
CA LEU A 603 -31.59 -6.17 -7.66
C LEU A 603 -31.90 -4.70 -7.46
N GLY A 604 -33.10 -4.41 -6.99
CA GLY A 604 -33.53 -3.04 -6.78
C GLY A 604 -33.75 -2.76 -5.31
N ILE A 605 -33.04 -1.75 -4.80
CA ILE A 605 -33.17 -1.42 -3.39
C ILE A 605 -33.59 0.04 -3.26
N LYS A 606 -34.70 0.26 -2.58
CA LYS A 606 -35.20 1.62 -2.32
C LYS A 606 -35.87 1.70 -0.95
N GLY A 607 -35.35 2.57 -0.10
CA GLY A 607 -35.87 2.69 1.24
C GLY A 607 -35.88 1.38 1.99
N TYR A 608 -37.05 1.02 2.49
CA TYR A 608 -37.22 -0.18 3.32
C TYR A 608 -37.34 -1.46 2.50
N PHE A 609 -37.40 -1.33 1.18
CA PHE A 609 -37.79 -2.44 0.32
C PHE A 609 -36.87 -2.78 -0.85
N ALA A 610 -36.78 -4.07 -1.14
CA ALA A 610 -35.98 -4.56 -2.24
C ALA A 610 -36.81 -5.49 -3.13
N PHE A 611 -36.31 -5.73 -4.34
CA PHE A 611 -36.90 -6.70 -5.25
C PHE A 611 -35.79 -7.30 -6.10
N GLY A 612 -36.00 -8.51 -6.59
CA GLY A 612 -35.06 -9.15 -7.48
C GLY A 612 -35.73 -9.63 -8.74
N MET A 613 -35.03 -9.51 -9.86
CA MET A 613 -35.53 -10.01 -11.13
C MET A 613 -34.63 -11.09 -11.67
N LEU A 614 -35.24 -12.10 -12.28
CA LEU A 614 -34.52 -13.13 -12.99
C LEU A 614 -34.92 -13.04 -14.45
N ASN A 615 -33.96 -12.70 -15.31
CA ASN A 615 -34.22 -12.54 -16.74
C ASN A 615 -35.36 -11.56 -17.00
N GLY A 616 -35.34 -10.43 -16.29
CA GLY A 616 -36.32 -9.39 -16.51
C GLY A 616 -37.66 -9.68 -15.87
N THR A 617 -37.83 -10.88 -15.33
CA THR A 617 -39.05 -11.24 -14.64
C THR A 617 -38.90 -11.24 -13.11
N ILE A 618 -39.85 -10.60 -12.42
CA ILE A 618 -39.81 -10.47 -10.98
C ILE A 618 -39.77 -11.82 -10.26
N LEU A 619 -38.80 -11.99 -9.38
CA LEU A 619 -38.63 -13.22 -8.60
C LEU A 619 -39.15 -13.07 -7.17
N TRP A 620 -38.91 -11.90 -6.60
CA TRP A 620 -39.35 -11.54 -5.25
C TRP A 620 -39.52 -10.03 -5.25
N LYS A 621 -40.44 -9.56 -4.41
CA LYS A 621 -40.75 -8.15 -4.35
C LYS A 621 -41.25 -7.65 -3.03
N ASN A 622 -41.13 -6.32 -2.86
CA ASN A 622 -41.46 -5.65 -1.61
C ASN A 622 -40.91 -6.39 -0.42
N VAL A 623 -39.68 -6.87 -0.50
CA VAL A 623 -39.08 -7.49 0.67
C VAL A 623 -38.45 -6.42 1.56
N ARG A 624 -38.72 -6.53 2.86
CA ARG A 624 -38.26 -5.51 3.79
C ARG A 624 -36.78 -5.71 4.07
N VAL A 625 -36.05 -4.60 4.01
CA VAL A 625 -34.63 -4.60 4.27
C VAL A 625 -34.33 -3.48 5.25
N LYS A 626 -33.28 -3.67 6.03
CA LYS A 626 -32.85 -2.66 6.96
C LYS A 626 -32.71 -1.30 6.29
N TYR A 627 -33.16 -0.26 6.96
CA TYR A 627 -32.99 1.10 6.46
C TYR A 627 -33.07 2.05 7.65
N PRO A 628 -32.28 3.14 7.64
CA PRO A 628 -31.34 3.51 6.58
C PRO A 628 -30.12 2.61 6.50
N GLY A 629 -29.45 2.64 5.36
CA GLY A 629 -28.22 1.91 5.15
C GLY A 629 -27.62 2.35 3.84
N HIS A 630 -26.32 2.16 3.67
CA HIS A 630 -25.66 2.60 2.46
C HIS A 630 -24.40 1.79 2.23
N GLY A 631 -23.89 1.82 1.00
CA GLY A 631 -22.67 1.12 0.66
C GLY A 631 -22.54 0.86 -0.83
N TRP A 632 -21.51 0.08 -1.19
CA TRP A 632 -21.18 -0.25 -2.57
C TRP A 632 -22.12 -1.25 -3.23
N ALA A 633 -22.05 -1.31 -4.55
CA ALA A 633 -22.56 -2.46 -5.31
C ALA A 633 -21.51 -3.56 -5.32
N ALA A 634 -21.92 -4.80 -5.53
CA ALA A 634 -20.96 -5.90 -5.54
C ALA A 634 -21.41 -7.08 -6.39
N ILE A 635 -20.43 -7.90 -6.77
CA ILE A 635 -20.67 -9.18 -7.40
C ILE A 635 -19.82 -10.22 -6.70
N GLY A 636 -20.19 -11.49 -6.83
CA GLY A 636 -19.34 -12.55 -6.33
C GLY A 636 -19.90 -13.96 -6.44
N THR A 637 -19.28 -14.88 -5.70
CA THR A 637 -19.57 -16.31 -5.82
C THR A 637 -19.70 -16.95 -4.44
N HIS A 638 -20.46 -18.03 -4.34
CA HIS A 638 -20.76 -18.62 -3.04
C HIS A 638 -19.50 -19.11 -2.29
N THR A 639 -18.61 -19.78 -3.00
CA THR A 639 -17.33 -20.18 -2.46
C THR A 639 -16.22 -19.78 -3.41
N PHE A 640 -15.03 -20.35 -3.22
CA PHE A 640 -13.94 -20.10 -4.16
C PHE A 640 -14.19 -21.02 -5.37
N GLU A 641 -14.88 -20.48 -6.37
CA GLU A 641 -15.29 -21.25 -7.53
C GLU A 641 -15.33 -20.39 -8.79
N PHE A 642 -15.11 -21.03 -9.94
CA PHE A 642 -15.21 -20.33 -11.21
C PHE A 642 -16.62 -19.83 -11.46
N ALA A 643 -16.72 -18.61 -11.96
CA ALA A 643 -17.99 -18.01 -12.35
C ALA A 643 -17.69 -16.84 -13.26
N GLN A 644 -18.64 -16.51 -14.13
CA GLN A 644 -18.44 -15.39 -15.02
C GLN A 644 -19.54 -14.36 -14.85
N PHE A 645 -19.23 -13.13 -15.25
CA PHE A 645 -20.14 -12.00 -15.09
C PHE A 645 -20.04 -11.20 -16.38
N ASP A 646 -21.15 -10.60 -16.79
CA ASP A 646 -21.15 -9.82 -18.01
C ASP A 646 -22.19 -8.72 -17.99
N ASN A 647 -21.89 -7.66 -18.74
CA ASN A 647 -22.78 -6.54 -18.94
C ASN A 647 -23.24 -5.98 -17.60
N PHE A 648 -22.28 -5.55 -16.78
CA PHE A 648 -22.62 -5.03 -15.47
C PHE A 648 -23.12 -3.59 -15.58
N ARG A 649 -24.20 -3.28 -14.87
CA ARG A 649 -24.73 -1.91 -14.80
C ARG A 649 -25.24 -1.57 -13.41
N VAL A 650 -25.06 -0.31 -13.00
CA VAL A 650 -25.63 0.15 -11.74
C VAL A 650 -26.15 1.57 -11.91
N GLU A 651 -27.40 1.77 -11.50
CA GLU A 651 -27.94 3.11 -11.40
C GLU A 651 -28.23 3.33 -9.93
N ALA A 652 -27.68 4.41 -9.38
CA ALA A 652 -27.78 4.62 -7.93
C ALA A 652 -28.04 6.06 -7.55
N ALA A 653 -28.65 6.24 -6.38
CA ALA A 653 -28.84 7.57 -5.83
C ALA A 653 -28.14 7.75 -4.48
N ARG A 654 -27.41 8.84 -4.36
CA ARG A 654 -26.55 9.12 -3.22
C ARG A 654 -27.31 10.00 -2.23
#